data_8EEJ
#
_entry.id   8EEJ
#
_cell.length_a   60.207
_cell.length_b   117.861
_cell.length_c   141.032
_cell.angle_alpha   90.000
_cell.angle_beta   90.000
_cell.angle_gamma   90.000
#
_symmetry.space_group_name_H-M   'P 21 21 21'
#
loop_
_entity.id
_entity.type
_entity.pdbx_description
1 polymer 'Amine oxidase'
2 non-polymer L-DOPAMINE
3 non-polymer 'FLAVIN-ADENINE DINUCLEOTIDE'
4 water water
#
_entity_poly.entity_id   1
_entity_poly.type   'polypeptide(L)'
_entity_poly.pdbx_seq_one_letter_code
;MSKNKVVIIGAGFAGLVAARELQTAGIEYEILEAKDRIGGRAWTEERMGRPLELGATWVHWFQAHTWTEIMRYGQRTEIT
ASPSGNDAHWVTDGKVVKGTEDDLDEKLTAAMGVTYEGSEEYFPNPHDPLWVLSDDFDGPAEVRERFLSDDQTNAIDLVK
EAGFDQETIDLVDAFWCAGYIGDPYTGSALMAKQWGALSDNRYRVMEDITLKWKLNNGMRSLYDGIAGDLNTDIRLNTPV
AKVEHHDNGATVTTESGEVIEASAVICTVPVGALSNIEFSPALPDAVQSVIDDKWNSQGAKIWIKIKGHHRFLGYAPKPA
KMSVVRSEYFMDDDTTILVGFGYDNTNIDLNSIEDAQAVINQWRDDLEVVDTTGHNWVADKWAGQAWGTLRKGQFTQGWS
LFDDIDSQLFFAGSDYAYGWRGVSVDGALEKGMTTARQVINSMRETKEQ
;
_entity_poly.pdbx_strand_id   B,A
#
# COMPACT_ATOMS: atom_id res chain seq x y z
N LYS A 5 27.51 11.21 9.77
CA LYS A 5 28.08 12.16 8.82
C LYS A 5 27.07 12.62 7.77
N VAL A 6 25.92 11.94 7.60
CA VAL A 6 24.86 12.46 6.75
C VAL A 6 24.01 13.42 7.56
N VAL A 7 23.86 14.64 7.08
CA VAL A 7 23.05 15.64 7.76
C VAL A 7 21.68 15.67 7.11
N ILE A 8 20.64 15.43 7.92
CA ILE A 8 19.25 15.48 7.48
C ILE A 8 18.67 16.79 8.00
N ILE A 9 18.16 17.63 7.10
CA ILE A 9 17.55 18.90 7.49
C ILE A 9 16.06 18.70 7.58
N GLY A 10 15.54 18.76 8.81
CA GLY A 10 14.11 18.66 9.04
C GLY A 10 13.67 17.34 9.62
N ALA A 11 12.89 17.40 10.71
CA ALA A 11 12.37 16.20 11.36
C ALA A 11 10.86 16.03 11.12
N GLY A 12 10.43 16.26 9.87
CA GLY A 12 9.15 15.78 9.41
C GLY A 12 9.23 14.30 9.06
N PHE A 13 8.15 13.79 8.46
CA PHE A 13 8.13 12.36 8.13
C PHE A 13 9.26 11.98 7.17
N ALA A 14 9.58 12.85 6.19
CA ALA A 14 10.64 12.47 5.26
C ALA A 14 11.99 12.38 5.96
N GLY A 15 12.31 13.35 6.81
CA GLY A 15 13.58 13.31 7.50
C GLY A 15 13.67 12.19 8.53
N LEU A 16 12.57 11.95 9.25
CA LEU A 16 12.55 10.87 10.25
C LEU A 16 12.74 9.51 9.58
N VAL A 17 12.00 9.24 8.50
CA VAL A 17 12.11 7.93 7.87
C VAL A 17 13.46 7.78 7.16
N ALA A 18 14.01 8.88 6.64
CA ALA A 18 15.36 8.82 6.07
C ALA A 18 16.38 8.44 7.13
N ALA A 19 16.26 9.03 8.33
CA ALA A 19 17.21 8.71 9.40
C ALA A 19 17.10 7.24 9.79
N ARG A 20 15.88 6.72 9.91
CA ARG A 20 15.73 5.32 10.28
C ARG A 20 16.31 4.40 9.21
N GLU A 21 16.16 4.77 7.93
CA GLU A 21 16.72 3.97 6.84
C GLU A 21 18.25 3.97 6.88
N LEU A 22 18.85 5.14 7.10
CA LEU A 22 20.31 5.19 7.23
C LEU A 22 20.78 4.39 8.43
N GLN A 23 20.03 4.41 9.53
CA GLN A 23 20.39 3.65 10.71
C GLN A 23 20.40 2.15 10.41
N THR A 24 19.40 1.67 9.64
CA THR A 24 19.38 0.27 9.25
C THR A 24 20.65 -0.10 8.49
N ALA A 25 21.14 0.81 7.66
CA ALA A 25 22.33 0.59 6.84
C ALA A 25 23.63 0.84 7.59
N GLY A 26 23.56 1.25 8.85
CA GLY A 26 24.76 1.50 9.62
C GLY A 26 25.47 2.78 9.28
N ILE A 27 24.75 3.75 8.73
CA ILE A 27 25.34 5.02 8.30
C ILE A 27 25.04 6.08 9.35
N GLU A 28 26.08 6.78 9.80
CA GLU A 28 25.91 7.80 10.81
C GLU A 28 25.19 9.02 10.24
N TYR A 29 24.29 9.60 11.03
CA TYR A 29 23.47 10.71 10.58
C TYR A 29 23.27 11.68 11.73
N GLU A 30 22.75 12.85 11.40
CA GLU A 30 22.25 13.78 12.39
C GLU A 30 21.06 14.52 11.79
N ILE A 31 19.99 14.67 12.56
CA ILE A 31 18.82 15.44 12.12
C ILE A 31 18.87 16.80 12.80
N LEU A 32 18.84 17.85 11.98
CA LEU A 32 18.74 19.23 12.44
C LEU A 32 17.34 19.74 12.15
N GLU A 33 16.61 20.13 13.19
CA GLU A 33 15.24 20.62 13.06
C GLU A 33 15.14 22.02 13.62
N ALA A 34 14.52 22.93 12.84
CA ALA A 34 14.43 24.34 13.25
C ALA A 34 13.51 24.53 14.45
N LYS A 35 12.40 23.78 14.49
CA LYS A 35 11.39 23.95 15.52
C LYS A 35 11.77 23.24 16.82
N ASP A 36 10.98 23.50 17.87
CA ASP A 36 11.08 22.80 19.14
C ASP A 36 10.23 21.54 19.17
N ARG A 37 9.88 21.02 18.00
CA ARG A 37 9.00 19.87 17.90
C ARG A 37 9.36 19.12 16.63
N ILE A 38 9.00 17.83 16.61
CA ILE A 38 9.10 17.01 15.40
C ILE A 38 7.73 16.84 14.79
N GLY A 39 7.69 16.35 13.55
CA GLY A 39 6.48 16.09 12.82
C GLY A 39 6.25 16.99 11.62
N GLY A 40 6.77 18.21 11.68
CA GLY A 40 6.64 19.12 10.54
C GLY A 40 5.19 19.46 10.28
N ARG A 41 4.76 19.27 9.04
CA ARG A 41 3.39 19.57 8.63
C ARG A 41 2.40 18.47 9.04
N ALA A 42 2.86 17.45 9.74
CA ALA A 42 2.00 16.61 10.56
C ALA A 42 2.13 17.07 12.00
N TRP A 43 1.00 17.39 12.65
CA TRP A 43 1.06 17.97 13.98
C TRP A 43 -0.25 17.67 14.72
N THR A 44 -0.21 16.69 15.63
CA THR A 44 -1.36 16.37 16.47
C THR A 44 -1.26 17.13 17.77
N GLU A 45 -2.31 17.84 18.13
CA GLU A 45 -2.29 18.67 19.33
C GLU A 45 -3.67 18.81 19.95
N GLU A 46 -3.73 18.77 21.27
CA GLU A 46 -4.98 19.03 21.99
C GLU A 46 -5.41 20.47 21.80
N ARG A 47 -6.55 20.66 21.15
CA ARG A 47 -7.18 21.97 20.98
C ARG A 47 -8.68 21.77 21.10
N MET A 48 -9.36 22.72 21.75
CA MET A 48 -10.82 22.70 21.83
C MET A 48 -11.36 21.47 22.48
N GLY A 49 -10.58 20.86 23.38
CA GLY A 49 -11.05 19.76 24.17
C GLY A 49 -10.70 18.37 23.66
N ARG A 50 -9.94 18.25 22.57
CA ARG A 50 -9.58 16.93 22.07
C ARG A 50 -8.37 17.07 21.16
N PRO A 51 -7.66 15.97 20.87
CA PRO A 51 -6.54 16.04 19.93
C PRO A 51 -7.04 16.35 18.52
N LEU A 52 -6.46 17.37 17.91
CA LEU A 52 -6.80 17.78 16.55
C LEU A 52 -5.55 17.76 15.69
N GLU A 53 -5.72 17.39 14.43
CA GLU A 53 -4.64 17.42 13.45
C GLU A 53 -4.57 18.81 12.83
N LEU A 54 -3.54 19.57 13.19
CA LEU A 54 -3.36 20.90 12.63
C LEU A 54 -2.87 20.82 11.19
N GLY A 55 -2.63 19.59 10.72
CA GLY A 55 -2.17 19.37 9.36
C GLY A 55 -2.63 18.03 8.81
N ALA A 56 -1.67 17.12 8.60
CA ALA A 56 -1.99 15.80 8.07
C ALA A 56 -3.04 15.10 8.94
N THR A 57 -4.05 14.54 8.29
CA THR A 57 -5.14 13.86 8.99
C THR A 57 -5.42 12.44 8.48
N TRP A 58 -5.72 12.29 7.19
CA TRP A 58 -6.33 11.08 6.67
C TRP A 58 -5.31 10.13 6.04
N VAL A 59 -5.61 8.83 6.12
CA VAL A 59 -4.71 7.74 5.71
C VAL A 59 -5.56 6.67 5.02
N HIS A 60 -4.87 5.71 4.37
CA HIS A 60 -5.58 4.57 3.77
C HIS A 60 -4.60 3.43 3.52
N TRP A 61 -5.12 2.18 3.51
CA TRP A 61 -4.26 1.02 3.27
C TRP A 61 -3.78 0.91 1.82
N PHE A 62 -4.38 1.65 0.89
CA PHE A 62 -3.84 1.74 -0.47
C PHE A 62 -2.67 2.72 -0.57
N GLN A 63 -2.23 3.32 0.54
CA GLN A 63 -1.02 4.15 0.57
C GLN A 63 0.08 3.32 1.22
N ALA A 64 0.99 2.79 0.40
CA ALA A 64 1.89 1.74 0.86
C ALA A 64 2.79 2.21 1.99
N HIS A 65 3.37 3.40 1.85
CA HIS A 65 4.35 3.84 2.85
C HIS A 65 3.68 4.23 4.15
N THR A 66 2.56 4.97 4.07
CA THR A 66 1.83 5.31 5.29
C THR A 66 1.31 4.07 5.97
N TRP A 67 0.75 3.14 5.20
CA TRP A 67 0.13 1.97 5.82
C TRP A 67 1.16 1.09 6.51
N THR A 68 2.34 0.91 5.92
CA THR A 68 3.35 0.10 6.60
C THR A 68 3.71 0.69 7.97
N GLU A 69 3.74 2.03 8.08
CA GLU A 69 4.07 2.64 9.36
C GLU A 69 2.93 2.48 10.35
N ILE A 70 1.69 2.58 9.88
CA ILE A 70 0.53 2.30 10.72
C ILE A 70 0.63 0.90 11.30
N MET A 71 1.00 -0.08 10.48
CA MET A 71 1.15 -1.45 10.97
C MET A 71 2.33 -1.55 11.95
N ARG A 72 3.47 -0.98 11.58
CA ARG A 72 4.67 -1.01 12.40
C ARG A 72 4.42 -0.49 13.81
N TYR A 73 3.74 0.64 13.94
CA TYR A 73 3.63 1.30 15.25
C TYR A 73 2.28 1.03 15.92
N GLY A 74 1.63 -0.08 15.57
CA GLY A 74 0.54 -0.58 16.38
C GLY A 74 -0.81 0.05 16.14
N GLN A 75 -1.00 0.73 15.02
CA GLN A 75 -2.21 1.50 14.79
C GLN A 75 -3.19 0.83 13.81
N ARG A 76 -2.98 -0.46 13.53
CA ARG A 76 -3.77 -1.20 12.54
C ARG A 76 -5.28 -1.04 12.74
N THR A 77 -5.77 -1.18 13.98
CA THR A 77 -7.20 -1.05 14.25
C THR A 77 -7.57 0.30 14.81
N GLU A 78 -6.61 1.22 14.91
CA GLU A 78 -6.83 2.52 15.52
C GLU A 78 -7.14 3.58 14.48
N ILE A 79 -8.04 3.27 13.55
CA ILE A 79 -8.51 4.23 12.57
C ILE A 79 -10.03 4.29 12.64
N THR A 80 -10.57 5.47 12.33
CA THR A 80 -12.00 5.72 12.38
C THR A 80 -12.40 6.58 11.19
N ALA A 81 -13.51 6.23 10.54
CA ALA A 81 -13.98 6.98 9.40
C ALA A 81 -14.63 8.30 9.81
N SER A 82 -14.40 9.33 9.00
CA SER A 82 -15.06 10.60 9.21
C SER A 82 -16.56 10.45 9.02
N PRO A 83 -17.36 11.34 9.63
CA PRO A 83 -18.82 11.27 9.46
C PRO A 83 -19.25 11.35 8.00
N SER A 84 -20.24 10.53 7.65
CA SER A 84 -20.83 10.54 6.31
C SER A 84 -22.34 10.66 6.45
N GLY A 85 -23.03 10.68 5.31
CA GLY A 85 -24.47 10.89 5.33
C GLY A 85 -24.85 12.25 5.89
N ASN A 86 -24.03 13.26 5.66
CA ASN A 86 -24.30 14.60 6.15
C ASN A 86 -25.35 15.30 5.30
N ASP A 87 -26.01 16.29 5.90
CA ASP A 87 -26.86 17.21 5.14
C ASP A 87 -25.96 18.14 4.33
N ALA A 88 -26.08 18.08 3.00
CA ALA A 88 -25.17 18.79 2.12
C ALA A 88 -25.75 20.13 1.69
N HIS A 89 -24.88 21.13 1.58
CA HIS A 89 -25.21 22.48 1.12
C HIS A 89 -24.13 22.90 0.14
N TRP A 90 -24.53 23.51 -0.98
CA TRP A 90 -23.51 24.04 -1.87
C TRP A 90 -23.94 25.37 -2.46
N VAL A 91 -22.96 26.25 -2.62
CA VAL A 91 -23.18 27.56 -3.24
C VAL A 91 -22.93 27.43 -4.73
N THR A 92 -23.90 27.83 -5.56
CA THR A 92 -23.59 27.79 -6.99
C THR A 92 -23.73 29.17 -7.63
N ASP A 93 -24.92 29.67 -7.85
CA ASP A 93 -24.87 30.97 -8.50
C ASP A 93 -25.14 32.05 -7.46
N GLY A 94 -24.28 32.11 -6.45
CA GLY A 94 -24.51 33.00 -5.33
C GLY A 94 -25.61 32.56 -4.39
N LYS A 95 -26.19 31.39 -4.60
CA LYS A 95 -27.28 30.91 -3.74
C LYS A 95 -26.93 29.54 -3.18
N VAL A 96 -27.56 29.20 -2.06
CA VAL A 96 -27.32 27.91 -1.40
C VAL A 96 -28.33 26.89 -1.90
N VAL A 97 -27.83 25.74 -2.37
CA VAL A 97 -28.64 24.60 -2.75
C VAL A 97 -28.43 23.50 -1.71
N LYS A 98 -29.50 22.81 -1.34
CA LYS A 98 -29.42 21.77 -0.33
C LYS A 98 -29.75 20.40 -0.94
N GLY A 99 -29.11 19.37 -0.41
CA GLY A 99 -29.37 18.02 -0.85
C GLY A 99 -28.65 17.04 0.07
N THR A 100 -28.74 15.77 -0.29
CA THR A 100 -28.02 14.78 0.50
C THR A 100 -26.56 14.73 0.08
N GLU A 101 -25.73 14.15 0.95
CA GLU A 101 -24.33 13.96 0.58
C GLU A 101 -24.21 13.06 -0.64
N ASP A 102 -25.09 12.06 -0.76
CA ASP A 102 -25.14 11.22 -1.95
C ASP A 102 -25.43 12.05 -3.21
N ASP A 103 -26.41 12.97 -3.12
CA ASP A 103 -26.71 13.85 -4.26
C ASP A 103 -25.45 14.56 -4.74
N LEU A 104 -24.72 15.16 -3.79
CA LEU A 104 -23.51 15.90 -4.14
C LEU A 104 -22.45 14.98 -4.72
N ASP A 105 -22.24 13.82 -4.08
CA ASP A 105 -21.22 12.89 -4.56
C ASP A 105 -21.53 12.37 -5.96
N GLU A 106 -22.82 12.21 -6.28
CA GLU A 106 -23.20 11.81 -7.63
C GLU A 106 -22.79 12.84 -8.67
N LYS A 107 -22.96 14.13 -8.35
CA LYS A 107 -22.57 15.18 -9.30
C LYS A 107 -21.05 15.24 -9.45
N LEU A 108 -20.32 15.10 -8.34
CA LEU A 108 -18.87 15.09 -8.42
C LEU A 108 -18.36 13.87 -9.16
N THR A 109 -18.98 12.71 -8.95
CA THR A 109 -18.54 11.50 -9.64
C THR A 109 -18.62 11.65 -11.16
N ALA A 110 -19.72 12.22 -11.66
CA ALA A 110 -19.84 12.42 -13.10
C ALA A 110 -18.76 13.38 -13.61
N ALA A 111 -18.48 14.44 -12.85
CA ALA A 111 -17.46 15.38 -13.27
C ALA A 111 -16.07 14.77 -13.24
N MET A 112 -15.81 13.85 -12.30
CA MET A 112 -14.46 13.28 -12.25
C MET A 112 -14.18 12.35 -13.42
N GLY A 113 -15.21 11.72 -13.99
CA GLY A 113 -15.00 10.90 -15.18
C GLY A 113 -14.31 11.68 -16.28
N VAL A 114 -14.76 12.89 -16.54
CA VAL A 114 -14.12 13.73 -17.54
C VAL A 114 -12.77 14.23 -17.04
N THR A 115 -12.67 14.51 -15.74
CA THR A 115 -11.43 15.05 -15.18
C THR A 115 -10.30 14.05 -15.27
N TYR A 116 -10.58 12.77 -15.04
CA TYR A 116 -9.56 11.74 -15.11
C TYR A 116 -9.18 11.34 -16.53
N GLU A 117 -9.96 11.74 -17.54
CA GLU A 117 -9.76 11.26 -18.90
C GLU A 117 -8.30 11.34 -19.32
N GLY A 118 -7.79 10.25 -19.88
CA GLY A 118 -6.41 10.14 -20.28
C GLY A 118 -5.52 9.45 -19.26
N SER A 119 -5.98 9.30 -18.02
CA SER A 119 -5.13 8.72 -16.98
C SER A 119 -4.72 7.29 -17.32
N GLU A 120 -5.57 6.54 -18.01
CA GLU A 120 -5.20 5.16 -18.35
C GLU A 120 -4.09 5.13 -19.40
N GLU A 121 -4.07 6.11 -20.31
CA GLU A 121 -2.98 6.20 -21.29
C GLU A 121 -1.72 6.80 -20.70
N TYR A 122 -1.86 7.74 -19.76
CA TYR A 122 -0.69 8.41 -19.19
C TYR A 122 -0.02 7.57 -18.12
N PHE A 123 -0.81 6.85 -17.31
CA PHE A 123 -0.31 6.30 -16.05
C PHE A 123 -0.61 4.80 -15.90
N PRO A 124 -0.24 3.97 -16.88
CA PRO A 124 -0.46 2.51 -16.70
C PRO A 124 0.17 2.00 -15.43
N ASN A 125 1.38 2.47 -15.13
CA ASN A 125 1.99 2.36 -13.81
C ASN A 125 1.81 3.72 -13.14
N PRO A 126 0.88 3.88 -12.19
CA PRO A 126 0.63 5.21 -11.62
C PRO A 126 1.77 5.73 -10.78
N HIS A 127 2.80 4.92 -10.54
CA HIS A 127 3.99 5.36 -9.83
C HIS A 127 5.12 5.71 -10.78
N ASP A 128 4.83 5.81 -12.08
CA ASP A 128 5.76 6.31 -13.08
C ASP A 128 5.10 7.49 -13.80
N PRO A 129 4.95 8.62 -13.10
CA PRO A 129 4.15 9.73 -13.64
C PRO A 129 4.71 10.36 -14.91
N LEU A 130 6.01 10.25 -15.18
CA LEU A 130 6.59 10.90 -16.34
C LEU A 130 6.94 9.88 -17.44
N TRP A 131 6.32 8.71 -17.39
CA TRP A 131 6.56 7.68 -18.41
C TRP A 131 6.33 8.22 -19.83
N VAL A 132 5.29 9.05 -20.00
CA VAL A 132 4.93 9.53 -21.34
C VAL A 132 6.08 10.32 -21.98
N LEU A 133 6.92 10.95 -21.16
CA LEU A 133 8.03 11.74 -21.68
C LEU A 133 9.34 10.97 -21.71
N SER A 134 9.31 9.68 -21.38
CA SER A 134 10.52 8.87 -21.35
C SER A 134 10.80 8.23 -22.70
N ASP A 135 11.99 7.71 -22.82
CA ASP A 135 12.38 6.98 -24.00
C ASP A 135 11.64 5.68 -24.06
N ASP A 136 11.01 5.23 -23.01
CA ASP A 136 10.28 4.00 -23.09
C ASP A 136 8.84 4.16 -23.53
N PHE A 137 8.37 5.37 -23.69
CA PHE A 137 7.00 5.59 -24.13
C PHE A 137 6.84 5.02 -25.52
N ASP A 138 5.79 4.26 -25.73
CA ASP A 138 5.53 3.61 -27.02
C ASP A 138 4.13 3.88 -27.54
N GLY A 139 3.36 4.74 -26.87
CA GLY A 139 2.06 5.12 -27.38
C GLY A 139 2.14 6.11 -28.52
N PRO A 140 0.99 6.48 -29.05
CA PRO A 140 0.97 7.40 -30.19
C PRO A 140 1.41 8.80 -29.80
N ALA A 141 1.91 9.53 -30.81
CA ALA A 141 2.41 10.88 -30.57
C ALA A 141 1.35 11.79 -29.99
N GLU A 142 0.08 11.58 -30.32
CA GLU A 142 -0.98 12.46 -29.84
C GLU A 142 -1.18 12.34 -28.33
N VAL A 143 -0.84 11.18 -27.75
CA VAL A 143 -0.93 11.03 -26.29
C VAL A 143 0.09 11.94 -25.60
N ARG A 144 1.32 11.99 -26.13
CA ARG A 144 2.33 12.89 -25.56
C ARG A 144 1.91 14.35 -25.73
N GLU A 145 1.29 14.68 -26.86
CA GLU A 145 0.82 16.05 -27.08
C GLU A 145 -0.22 16.45 -26.04
N ARG A 146 -1.22 15.58 -25.82
CA ARG A 146 -2.27 15.91 -24.86
C ARG A 146 -1.72 15.96 -23.44
N PHE A 147 -0.77 15.08 -23.13
CA PHE A 147 -0.11 15.09 -21.83
C PHE A 147 0.50 16.46 -21.55
N LEU A 148 1.29 16.96 -22.49
CA LEU A 148 1.92 18.28 -22.30
C LEU A 148 0.88 19.38 -22.25
N SER A 149 -0.18 19.26 -23.06
CA SER A 149 -1.25 20.25 -23.05
C SER A 149 -1.99 20.24 -21.72
N ASP A 150 -2.18 19.05 -21.14
CA ASP A 150 -2.91 18.95 -19.87
C ASP A 150 -2.14 19.58 -18.72
N ASP A 151 -0.81 19.65 -18.81
CA ASP A 151 -0.03 20.37 -17.80
C ASP A 151 -0.34 21.86 -17.81
N GLN A 152 -0.84 22.39 -18.93
CA GLN A 152 -1.14 23.82 -19.04
C GLN A 152 -2.63 24.13 -18.92
N THR A 153 -3.43 23.17 -18.47
CA THR A 153 -4.87 23.30 -18.34
C THR A 153 -5.26 23.03 -16.90
N ASN A 154 -6.17 23.82 -16.35
CA ASN A 154 -6.58 23.52 -14.99
C ASN A 154 -7.75 22.52 -15.00
N ALA A 155 -8.04 21.97 -13.82
CA ALA A 155 -9.01 20.90 -13.72
C ALA A 155 -10.44 21.39 -13.92
N ILE A 156 -10.71 22.67 -13.65
CA ILE A 156 -12.07 23.18 -13.81
C ILE A 156 -12.40 23.37 -15.28
N ASP A 157 -11.44 23.85 -16.07
CA ASP A 157 -11.69 24.06 -17.50
C ASP A 157 -12.05 22.76 -18.21
N LEU A 158 -11.52 21.62 -17.75
CA LEU A 158 -11.91 20.34 -18.33
C LEU A 158 -13.40 20.09 -18.20
N VAL A 159 -13.97 20.43 -17.04
CA VAL A 159 -15.39 20.22 -16.79
C VAL A 159 -16.22 21.24 -17.56
N LYS A 160 -15.75 22.50 -17.62
CA LYS A 160 -16.43 23.50 -18.44
C LYS A 160 -16.48 23.07 -19.91
N GLU A 161 -15.34 22.64 -20.45
CA GLU A 161 -15.27 22.28 -21.87
C GLU A 161 -16.13 21.06 -22.20
N ALA A 162 -16.47 20.23 -21.22
CA ALA A 162 -17.32 19.08 -21.44
C ALA A 162 -18.81 19.40 -21.37
N GLY A 163 -19.17 20.66 -21.14
CA GLY A 163 -20.56 21.06 -21.20
C GLY A 163 -21.37 20.89 -19.93
N PHE A 164 -20.73 20.65 -18.79
CA PHE A 164 -21.45 20.58 -17.53
C PHE A 164 -22.05 21.93 -17.19
N ASP A 165 -23.14 21.91 -16.44
CA ASP A 165 -23.84 23.16 -16.14
C ASP A 165 -23.13 23.93 -15.02
N GLN A 166 -23.62 25.12 -14.72
CA GLN A 166 -22.95 25.99 -13.76
C GLN A 166 -22.90 25.38 -12.37
N GLU A 167 -23.92 24.63 -11.98
CA GLU A 167 -23.93 23.99 -10.66
C GLU A 167 -22.73 23.05 -10.51
N THR A 168 -22.48 22.21 -11.52
CA THR A 168 -21.35 21.30 -11.44
C THR A 168 -20.03 22.05 -11.52
N ILE A 169 -19.95 23.11 -12.32
CA ILE A 169 -18.74 23.93 -12.35
C ILE A 169 -18.45 24.50 -10.97
N ASP A 170 -19.47 25.03 -10.30
CA ASP A 170 -19.27 25.57 -8.96
C ASP A 170 -18.90 24.49 -7.95
N LEU A 171 -19.41 23.28 -8.13
CA LEU A 171 -19.06 22.18 -7.24
C LEU A 171 -17.60 21.78 -7.40
N VAL A 172 -17.11 21.66 -8.64
CA VAL A 172 -15.71 21.26 -8.84
C VAL A 172 -14.77 22.42 -8.53
N ASP A 173 -15.21 23.66 -8.74
CA ASP A 173 -14.47 24.82 -8.27
C ASP A 173 -14.20 24.69 -6.77
N ALA A 174 -15.27 24.52 -5.98
CA ALA A 174 -15.12 24.30 -4.54
C ALA A 174 -14.22 23.11 -4.25
N PHE A 175 -14.49 21.97 -4.91
CA PHE A 175 -13.71 20.76 -4.69
C PHE A 175 -12.22 21.00 -4.85
N TRP A 176 -11.83 21.69 -5.92
CA TRP A 176 -10.41 21.83 -6.22
C TRP A 176 -9.78 23.01 -5.52
N CYS A 177 -10.56 23.98 -5.04
CA CYS A 177 -10.01 24.93 -4.08
C CYS A 177 -9.46 24.21 -2.86
N ALA A 178 -10.17 23.17 -2.41
CA ALA A 178 -9.67 22.34 -1.33
C ALA A 178 -8.53 21.45 -1.80
N GLY A 179 -8.69 20.78 -2.94
CA GLY A 179 -7.70 19.78 -3.35
C GLY A 179 -6.37 20.38 -3.76
N TYR A 180 -6.39 21.51 -4.48
CA TYR A 180 -5.16 22.24 -4.80
C TYR A 180 -4.74 23.16 -3.66
N ILE A 181 -5.53 23.19 -2.57
CA ILE A 181 -5.32 24.03 -1.39
C ILE A 181 -4.73 25.37 -1.80
N GLY A 182 -5.44 26.02 -2.71
CA GLY A 182 -4.95 27.17 -3.42
C GLY A 182 -5.90 27.45 -4.57
N ASP A 183 -5.54 28.47 -5.34
CA ASP A 183 -6.36 28.84 -6.48
C ASP A 183 -6.36 27.73 -7.52
N PRO A 184 -7.47 27.03 -7.72
CA PRO A 184 -7.43 25.90 -8.67
C PRO A 184 -7.27 26.34 -10.11
N TYR A 185 -7.55 27.60 -10.44
CA TYR A 185 -7.47 28.04 -11.84
C TYR A 185 -6.03 28.18 -12.32
N THR A 186 -5.06 28.30 -11.41
CA THR A 186 -3.65 28.31 -11.78
C THR A 186 -3.03 26.92 -11.77
N GLY A 187 -3.80 25.87 -11.46
CA GLY A 187 -3.23 24.55 -11.24
C GLY A 187 -3.12 23.69 -12.49
N SER A 188 -2.26 22.68 -12.41
CA SER A 188 -2.08 21.70 -13.49
C SER A 188 -3.08 20.57 -13.33
N ALA A 189 -3.89 20.34 -14.37
CA ALA A 189 -4.85 19.24 -14.33
C ALA A 189 -4.20 17.88 -14.25
N LEU A 190 -2.91 17.76 -14.59
CA LEU A 190 -2.26 16.45 -14.51
C LEU A 190 -2.18 15.96 -13.07
N MET A 191 -2.15 16.86 -12.08
CA MET A 191 -2.19 16.41 -10.70
C MET A 191 -3.46 15.63 -10.41
N ALA A 192 -4.61 16.19 -10.79
CA ALA A 192 -5.89 15.51 -10.59
C ALA A 192 -5.94 14.18 -11.32
N LYS A 193 -5.37 14.13 -12.53
CA LYS A 193 -5.41 12.89 -13.29
C LYS A 193 -4.56 11.82 -12.62
N GLN A 194 -3.42 12.20 -12.03
CA GLN A 194 -2.62 11.19 -11.35
C GLN A 194 -3.27 10.72 -10.06
N TRP A 195 -3.94 11.62 -9.32
CA TRP A 195 -4.76 11.17 -8.20
C TRP A 195 -5.75 10.10 -8.65
N GLY A 196 -6.41 10.33 -9.79
CA GLY A 196 -7.32 9.33 -10.32
C GLY A 196 -6.62 8.01 -10.58
N ALA A 197 -5.47 8.06 -11.24
CA ALA A 197 -4.70 6.87 -11.55
C ALA A 197 -4.31 6.10 -10.29
N LEU A 198 -3.99 6.79 -9.21
CA LEU A 198 -3.62 6.14 -7.95
C LEU A 198 -4.84 5.65 -7.17
N SER A 199 -6.03 5.98 -7.65
CA SER A 199 -7.29 5.69 -6.97
C SER A 199 -8.18 4.82 -7.85
N ASP A 200 -7.57 4.02 -8.73
CA ASP A 200 -8.29 3.14 -9.66
C ASP A 200 -9.30 3.92 -10.50
N ASN A 201 -9.01 5.21 -10.73
CA ASN A 201 -9.83 6.07 -11.58
C ASN A 201 -11.28 6.13 -11.11
N ARG A 202 -11.49 6.11 -9.80
CA ARG A 202 -12.83 6.20 -9.24
C ARG A 202 -12.85 7.22 -8.11
N TYR A 203 -13.78 8.19 -8.23
CA TYR A 203 -13.95 9.24 -7.25
C TYR A 203 -14.08 8.69 -5.84
N ARG A 204 -14.89 7.64 -5.66
CA ARG A 204 -15.12 7.12 -4.31
C ARG A 204 -13.83 6.59 -3.70
N VAL A 205 -12.99 5.93 -4.49
CA VAL A 205 -11.70 5.46 -3.98
C VAL A 205 -10.81 6.64 -3.65
N MET A 206 -10.78 7.65 -4.51
CA MET A 206 -9.96 8.83 -4.26
C MET A 206 -10.34 9.49 -2.95
N GLU A 207 -11.64 9.60 -2.68
CA GLU A 207 -12.09 10.20 -1.43
C GLU A 207 -11.89 9.26 -0.25
N ASP A 208 -12.01 7.94 -0.47
CA ASP A 208 -11.67 6.99 0.59
C ASP A 208 -10.21 7.11 1.01
N ILE A 209 -9.33 7.40 0.04
CA ILE A 209 -7.90 7.43 0.32
C ILE A 209 -7.50 8.72 1.01
N THR A 210 -8.08 9.85 0.59
CA THR A 210 -7.61 11.16 1.00
C THR A 210 -8.47 11.85 2.05
N LEU A 211 -9.68 11.35 2.33
CA LEU A 211 -10.62 12.15 3.10
C LEU A 211 -11.57 11.30 3.94
N LYS A 212 -11.12 10.14 4.42
CA LYS A 212 -12.05 9.27 5.15
C LYS A 212 -11.51 8.77 6.47
N TRP A 213 -10.37 8.08 6.47
CA TRP A 213 -9.90 7.38 7.66
C TRP A 213 -8.92 8.23 8.46
N LYS A 214 -9.22 8.46 9.75
CA LYS A 214 -8.40 9.25 10.66
C LYS A 214 -7.70 8.33 11.66
N LEU A 215 -6.56 8.77 12.17
CA LEU A 215 -5.83 8.02 13.19
C LEU A 215 -6.34 8.40 14.58
N ASN A 216 -6.87 7.42 15.31
CA ASN A 216 -7.38 7.67 16.66
C ASN A 216 -6.32 8.29 17.56
N ASN A 217 -5.07 7.84 17.41
CA ASN A 217 -3.96 8.33 18.20
C ASN A 217 -3.10 9.35 17.44
N GLY A 218 -3.59 9.80 16.29
CA GLY A 218 -2.99 10.92 15.60
C GLY A 218 -1.77 10.55 14.78
N MET A 219 -1.41 11.46 13.88
CA MET A 219 -0.15 11.33 13.17
C MET A 219 1.01 11.25 14.15
N ARG A 220 0.86 11.83 15.34
CA ARG A 220 1.95 11.77 16.31
C ARG A 220 2.27 10.34 16.74
N SER A 221 1.31 9.42 16.69
CA SER A 221 1.67 8.03 17.03
C SER A 221 2.66 7.48 16.01
N LEU A 222 2.63 7.99 14.77
CA LEU A 222 3.57 7.55 13.75
C LEU A 222 4.89 8.31 13.83
N TYR A 223 4.86 9.66 13.90
CA TYR A 223 6.14 10.33 13.88
C TYR A 223 6.88 10.16 15.21
N ASP A 224 6.17 10.07 16.33
CA ASP A 224 6.84 9.73 17.59
C ASP A 224 7.36 8.29 17.55
N GLY A 225 6.65 7.41 16.84
CA GLY A 225 7.14 6.05 16.71
C GLY A 225 8.46 5.98 15.96
N ILE A 226 8.57 6.69 14.83
CA ILE A 226 9.81 6.66 14.07
C ILE A 226 10.93 7.29 14.89
N ALA A 227 10.67 8.46 15.49
CA ALA A 227 11.72 9.09 16.30
C ALA A 227 12.16 8.19 17.45
N GLY A 228 11.24 7.42 18.03
CA GLY A 228 11.57 6.50 19.10
C GLY A 228 12.50 5.38 18.67
N ASP A 229 12.55 5.08 17.37
CA ASP A 229 13.49 4.07 16.88
C ASP A 229 14.90 4.61 16.68
N LEU A 230 15.05 5.94 16.63
CA LEU A 230 16.35 6.51 16.27
C LEU A 230 17.33 6.39 17.43
N ASN A 231 18.56 5.99 17.13
CA ASN A 231 19.58 5.90 18.17
C ASN A 231 20.42 7.17 18.29
N THR A 232 20.07 8.22 17.55
CA THR A 232 20.77 9.50 17.57
C THR A 232 19.76 10.60 17.89
N ASP A 233 20.05 11.41 18.92
CA ASP A 233 19.11 12.45 19.34
C ASP A 233 18.89 13.46 18.23
N ILE A 234 17.64 13.86 18.04
CA ILE A 234 17.34 14.92 17.09
C ILE A 234 17.74 16.26 17.69
N ARG A 235 18.36 17.11 16.88
CA ARG A 235 18.77 18.43 17.35
C ARG A 235 17.65 19.42 17.03
N LEU A 236 16.78 19.63 18.01
CA LEU A 236 15.74 20.64 17.88
C LEU A 236 16.33 22.05 17.99
N ASN A 237 15.53 23.04 17.60
CA ASN A 237 15.90 24.44 17.72
C ASN A 237 17.24 24.72 17.04
N THR A 238 17.48 24.06 15.91
CA THR A 238 18.74 24.15 15.19
C THR A 238 18.43 24.36 13.71
N PRO A 239 18.00 25.58 13.35
CA PRO A 239 17.73 25.87 11.93
C PRO A 239 19.02 25.92 11.14
N VAL A 240 18.96 25.39 9.93
CA VAL A 240 20.08 25.46 9.00
C VAL A 240 19.96 26.75 8.20
N ALA A 241 21.07 27.48 8.09
CA ALA A 241 21.12 28.73 7.34
C ALA A 241 21.83 28.62 6.00
N LYS A 242 22.76 27.68 5.86
CA LYS A 242 23.58 27.59 4.66
C LYS A 242 23.93 26.14 4.37
N VAL A 243 23.88 25.77 3.09
CA VAL A 243 24.34 24.46 2.63
C VAL A 243 25.33 24.70 1.49
N GLU A 244 26.60 24.36 1.72
CA GLU A 244 27.60 24.26 0.67
C GLU A 244 27.69 22.80 0.25
N HIS A 245 27.61 22.53 -1.05
CA HIS A 245 27.48 21.16 -1.51
C HIS A 245 28.38 20.91 -2.72
N HIS A 246 29.11 19.80 -2.69
CA HIS A 246 30.01 19.44 -3.76
C HIS A 246 29.89 17.95 -4.02
N ASP A 247 30.69 17.46 -4.97
CA ASP A 247 30.53 16.07 -5.41
C ASP A 247 30.98 15.05 -4.39
N ASN A 248 31.79 15.44 -3.40
CA ASN A 248 32.31 14.50 -2.42
C ASN A 248 31.78 14.74 -1.01
N GLY A 249 30.84 15.65 -0.82
CA GLY A 249 30.40 15.99 0.52
C GLY A 249 29.80 17.37 0.56
N ALA A 250 29.54 17.83 1.79
CA ALA A 250 28.84 19.10 1.98
C ALA A 250 29.24 19.71 3.31
N THR A 251 28.92 21.00 3.44
CA THR A 251 29.15 21.75 4.68
C THR A 251 27.88 22.50 5.03
N VAL A 252 27.38 22.29 6.24
CA VAL A 252 26.14 22.89 6.71
C VAL A 252 26.49 23.92 7.79
N THR A 253 25.90 25.10 7.69
CA THR A 253 26.05 26.13 8.73
C THR A 253 24.69 26.43 9.33
N THR A 254 24.60 26.36 10.66
CA THR A 254 23.36 26.63 11.36
C THR A 254 23.17 28.13 11.59
N GLU A 255 21.98 28.49 12.07
CA GLU A 255 21.69 29.89 12.38
C GLU A 255 22.65 30.46 13.41
N SER A 256 23.09 29.65 14.37
CA SER A 256 24.05 30.06 15.38
C SER A 256 25.47 30.16 14.87
N GLY A 257 25.71 29.77 13.61
CA GLY A 257 27.05 29.81 13.05
C GLY A 257 27.85 28.54 13.16
N GLU A 258 27.27 27.48 13.73
CA GLU A 258 27.96 26.19 13.83
C GLU A 258 28.15 25.60 12.44
N VAL A 259 29.35 25.12 12.17
CA VAL A 259 29.70 24.52 10.89
C VAL A 259 29.80 23.01 11.08
N ILE A 260 29.08 22.26 10.24
CA ILE A 260 29.01 20.80 10.34
C ILE A 260 29.40 20.20 8.99
N GLU A 261 30.47 19.40 8.98
CA GLU A 261 30.88 18.73 7.76
C GLU A 261 30.07 17.46 7.56
N ALA A 262 29.67 17.21 6.32
CA ALA A 262 28.75 16.11 6.01
C ALA A 262 29.22 15.33 4.79
N SER A 263 28.95 14.03 4.80
CA SER A 263 29.19 13.24 3.58
C SER A 263 28.08 13.47 2.56
N ALA A 264 26.89 13.83 3.02
CA ALA A 264 25.75 14.12 2.16
C ALA A 264 24.76 14.90 2.99
N VAL A 265 23.88 15.63 2.31
CA VAL A 265 22.81 16.36 2.97
C VAL A 265 21.50 15.93 2.34
N ILE A 266 20.55 15.52 3.19
CA ILE A 266 19.19 15.25 2.78
C ILE A 266 18.34 16.42 3.25
N CYS A 267 17.91 17.26 2.32
CA CYS A 267 17.18 18.49 2.61
C CYS A 267 15.68 18.25 2.44
N THR A 268 14.94 18.27 3.56
CA THR A 268 13.49 18.07 3.49
C THR A 268 12.70 19.37 3.66
N VAL A 269 13.41 20.49 3.72
CA VAL A 269 12.76 21.80 3.82
C VAL A 269 11.88 22.03 2.61
N PRO A 270 10.58 22.34 2.76
CA PRO A 270 9.74 22.51 1.58
C PRO A 270 10.05 23.79 0.83
N VAL A 271 9.60 23.81 -0.44
CA VAL A 271 9.85 24.95 -1.33
C VAL A 271 9.45 26.27 -0.68
N GLY A 272 8.32 26.29 0.02
CA GLY A 272 7.84 27.50 0.66
C GLY A 272 8.79 28.08 1.69
N ALA A 273 9.78 27.30 2.12
CA ALA A 273 10.74 27.71 3.15
C ALA A 273 12.18 27.63 2.67
N LEU A 274 12.42 27.25 1.42
CA LEU A 274 13.81 27.11 0.98
C LEU A 274 14.55 28.43 0.91
N SER A 275 13.85 29.56 0.79
CA SER A 275 14.55 30.83 0.74
C SER A 275 15.26 31.18 2.04
N ASN A 276 14.99 30.48 3.14
CA ASN A 276 15.74 30.68 4.37
C ASN A 276 17.15 30.11 4.31
N ILE A 277 17.47 29.28 3.30
CA ILE A 277 18.76 28.61 3.23
C ILE A 277 19.54 29.18 2.04
N GLU A 278 20.78 29.55 2.28
CA GLU A 278 21.70 29.94 1.22
C GLU A 278 22.41 28.69 0.70
N PHE A 279 22.30 28.46 -0.61
CA PHE A 279 22.94 27.32 -1.25
C PHE A 279 24.16 27.79 -2.03
N SER A 280 25.27 27.06 -1.85
CA SER A 280 26.53 27.37 -2.51
C SER A 280 27.12 26.07 -3.05
N PRO A 281 27.22 25.90 -4.38
CA PRO A 281 26.78 26.84 -5.42
C PRO A 281 25.27 27.03 -5.46
N ALA A 282 24.83 28.06 -6.16
CA ALA A 282 23.40 28.29 -6.31
C ALA A 282 22.73 27.09 -6.97
N LEU A 283 21.48 26.86 -6.59
CA LEU A 283 20.71 25.80 -7.22
C LEU A 283 20.50 26.11 -8.70
N PRO A 284 20.31 25.08 -9.53
CA PRO A 284 20.14 25.30 -10.97
C PRO A 284 18.97 26.24 -11.26
N ASP A 285 19.07 26.95 -12.39
CA ASP A 285 18.05 27.93 -12.76
C ASP A 285 16.65 27.31 -12.82
N ALA A 286 16.54 26.09 -13.37
CA ALA A 286 15.21 25.49 -13.49
C ALA A 286 14.61 25.18 -12.13
N VAL A 287 15.45 24.80 -11.16
CA VAL A 287 14.94 24.55 -9.82
C VAL A 287 14.62 25.85 -9.12
N GLN A 288 15.47 26.87 -9.32
CA GLN A 288 15.18 28.18 -8.73
C GLN A 288 13.86 28.76 -9.24
N SER A 289 13.53 28.50 -10.51
CA SER A 289 12.25 28.97 -11.04
C SER A 289 11.08 28.40 -10.24
N VAL A 290 11.15 27.11 -9.91
CA VAL A 290 10.09 26.51 -9.11
C VAL A 290 10.03 27.15 -7.74
N ILE A 291 11.18 27.35 -7.10
CA ILE A 291 11.20 27.94 -5.77
C ILE A 291 10.62 29.35 -5.80
N ASP A 292 10.97 30.14 -6.84
CA ASP A 292 10.43 31.48 -6.96
C ASP A 292 8.92 31.46 -7.17
N ASP A 293 8.45 30.58 -8.03
CA ASP A 293 7.06 30.56 -8.32
C ASP A 293 6.25 30.03 -7.18
N LYS A 294 6.87 29.10 -6.43
CA LYS A 294 6.29 28.29 -5.34
C LYS A 294 5.33 27.21 -5.88
N TRP A 295 4.92 26.34 -5.00
CA TRP A 295 3.86 25.40 -5.36
C TRP A 295 2.49 26.16 -5.32
N ASN A 296 1.40 25.44 -5.53
CA ASN A 296 0.06 26.00 -5.56
C ASN A 296 -0.65 25.76 -4.23
N SER A 297 0.11 25.83 -3.13
CA SER A 297 -0.44 25.62 -1.81
C SER A 297 -0.47 26.91 -0.98
N GLN A 298 -1.43 27.77 -1.30
CA GLN A 298 -1.59 29.04 -0.59
C GLN A 298 -2.77 29.04 0.36
N GLY A 299 -3.48 27.91 0.47
CA GLY A 299 -4.71 27.84 1.24
C GLY A 299 -4.45 27.53 2.72
N ALA A 300 -5.51 27.07 3.39
CA ALA A 300 -5.48 26.93 4.85
C ALA A 300 -6.52 25.93 5.32
N LYS A 301 -6.27 25.39 6.51
CA LYS A 301 -7.13 24.41 7.15
C LYS A 301 -7.61 24.94 8.49
N ILE A 302 -8.93 24.90 8.71
CA ILE A 302 -9.54 25.41 9.94
C ILE A 302 -10.29 24.28 10.65
N TRP A 303 -10.44 24.42 11.97
CA TRP A 303 -11.32 23.59 12.79
C TRP A 303 -12.30 24.52 13.48
N ILE A 304 -13.60 24.29 13.28
CA ILE A 304 -14.66 25.18 13.79
C ILE A 304 -15.56 24.38 14.72
N LYS A 305 -15.87 24.96 15.88
CA LYS A 305 -16.80 24.33 16.82
C LYS A 305 -18.11 25.13 16.85
N ILE A 306 -19.24 24.43 16.66
CA ILE A 306 -20.56 25.04 16.68
C ILE A 306 -21.40 24.38 17.77
N LYS A 307 -22.46 25.08 18.19
CA LYS A 307 -23.40 24.52 19.15
C LYS A 307 -24.24 23.42 18.51
N GLY A 308 -24.57 22.41 19.31
CA GLY A 308 -25.43 21.32 18.88
C GLY A 308 -24.68 20.24 18.12
N HIS A 309 -25.38 19.13 17.88
CA HIS A 309 -24.88 18.03 17.06
C HIS A 309 -25.48 18.17 15.66
N HIS A 310 -24.63 18.42 14.67
CA HIS A 310 -25.06 18.69 13.31
C HIS A 310 -24.19 17.93 12.33
N ARG A 311 -24.85 17.16 11.46
CA ARG A 311 -24.22 16.42 10.37
C ARG A 311 -24.24 17.33 9.14
N PHE A 312 -23.10 17.97 8.87
CA PHE A 312 -23.05 19.09 7.95
C PHE A 312 -21.96 18.88 6.91
N LEU A 313 -22.29 19.19 5.65
CA LEU A 313 -21.30 19.28 4.58
C LEU A 313 -21.61 20.53 3.77
N GLY A 314 -20.58 21.35 3.52
CA GLY A 314 -20.76 22.54 2.73
C GLY A 314 -19.67 22.73 1.68
N TYR A 315 -20.09 23.13 0.47
CA TYR A 315 -19.19 23.44 -0.64
C TYR A 315 -19.42 24.87 -1.09
N ALA A 316 -18.34 25.59 -1.38
CA ALA A 316 -18.47 26.95 -1.89
C ALA A 316 -17.28 27.25 -2.79
N PRO A 317 -17.49 27.91 -3.91
CA PRO A 317 -16.39 28.18 -4.85
C PRO A 317 -15.55 29.37 -4.43
N LYS A 318 -14.43 29.50 -5.11
CA LYS A 318 -13.59 30.69 -4.99
C LYS A 318 -14.47 31.93 -5.19
N PRO A 319 -14.27 33.01 -4.41
CA PRO A 319 -13.21 33.26 -3.42
C PRO A 319 -13.61 33.07 -1.96
N ALA A 320 -14.45 32.08 -1.68
CA ALA A 320 -14.93 31.89 -0.31
C ALA A 320 -13.78 31.70 0.68
N LYS A 321 -14.03 32.09 1.93
CA LYS A 321 -13.07 31.81 2.99
C LYS A 321 -12.78 30.33 3.11
N MET A 322 -13.82 29.49 3.01
CA MET A 322 -13.65 28.05 3.03
C MET A 322 -14.48 27.42 1.92
N SER A 323 -13.89 26.48 1.19
CA SER A 323 -14.58 25.82 0.07
C SER A 323 -15.15 24.45 0.39
N VAL A 324 -14.60 23.71 1.35
CA VAL A 324 -15.17 22.43 1.76
C VAL A 324 -15.14 22.39 3.28
N VAL A 325 -16.31 22.21 3.90
CA VAL A 325 -16.46 22.16 5.36
C VAL A 325 -17.29 20.94 5.71
N ARG A 326 -16.84 20.14 6.70
CA ARG A 326 -17.53 18.91 7.04
C ARG A 326 -17.46 18.63 8.53
N SER A 327 -18.57 18.17 9.10
CA SER A 327 -18.58 17.69 10.48
C SER A 327 -17.56 16.57 10.67
N GLU A 328 -16.82 16.61 11.78
CA GLU A 328 -15.82 15.59 12.07
C GLU A 328 -15.97 14.96 13.45
N TYR A 329 -16.37 15.72 14.47
CA TYR A 329 -16.50 15.17 15.81
C TYR A 329 -17.76 15.69 16.48
N PHE A 330 -18.48 14.81 17.16
CA PHE A 330 -19.66 15.18 17.96
C PHE A 330 -19.25 15.08 19.42
N MET A 331 -19.19 16.23 20.09
CA MET A 331 -18.57 16.33 21.40
C MET A 331 -19.60 16.10 22.51
N ASP A 332 -19.08 15.77 23.70
CA ASP A 332 -19.92 15.38 24.82
C ASP A 332 -20.69 16.53 25.44
N ASP A 333 -20.33 17.78 25.12
CA ASP A 333 -21.04 18.95 25.63
C ASP A 333 -21.96 19.57 24.59
N ASP A 334 -22.56 18.73 23.73
CA ASP A 334 -23.53 19.18 22.73
C ASP A 334 -22.93 20.24 21.81
N THR A 335 -21.75 19.93 21.26
CA THR A 335 -21.14 20.76 20.23
C THR A 335 -20.62 19.83 19.12
N THR A 336 -20.33 20.42 17.96
CA THR A 336 -19.78 19.70 16.83
C THR A 336 -18.52 20.41 16.38
N ILE A 337 -17.45 19.65 16.15
CA ILE A 337 -16.24 20.19 15.53
C ILE A 337 -16.24 19.84 14.04
N LEU A 338 -16.08 20.86 13.20
CA LEU A 338 -16.01 20.71 11.75
C LEU A 338 -14.62 21.06 11.26
N VAL A 339 -14.22 20.42 10.14
CA VAL A 339 -12.98 20.77 9.45
C VAL A 339 -13.33 21.58 8.21
N GLY A 340 -12.41 22.44 7.80
CA GLY A 340 -12.60 23.24 6.60
C GLY A 340 -11.30 23.46 5.86
N PHE A 341 -11.41 23.51 4.52
CA PHE A 341 -10.29 23.79 3.63
C PHE A 341 -10.61 24.98 2.75
N GLY A 342 -9.66 25.92 2.67
CA GLY A 342 -9.81 27.14 1.91
C GLY A 342 -8.68 27.31 0.92
N TYR A 343 -8.93 28.24 -0.02
CA TYR A 343 -7.95 28.45 -1.08
C TYR A 343 -6.96 29.57 -0.79
N ASP A 344 -7.21 30.40 0.22
CA ASP A 344 -6.41 31.62 0.38
C ASP A 344 -6.21 31.89 1.88
N ASN A 345 -5.03 31.54 2.38
CA ASN A 345 -4.73 31.74 3.80
C ASN A 345 -4.87 33.20 4.22
N THR A 346 -4.75 34.15 3.30
CA THR A 346 -4.81 35.55 3.70
C THR A 346 -6.23 36.08 3.82
N ASN A 347 -7.25 35.31 3.45
CA ASN A 347 -8.62 35.82 3.50
C ASN A 347 -9.37 35.35 4.74
N ILE A 348 -8.70 34.64 5.65
CA ILE A 348 -9.34 34.14 6.85
C ILE A 348 -8.31 34.07 7.97
N ASP A 349 -8.73 34.49 9.17
CA ASP A 349 -7.97 34.28 10.40
C ASP A 349 -8.54 33.04 11.07
N LEU A 350 -7.76 31.96 11.10
CA LEU A 350 -8.24 30.66 11.56
C LEU A 350 -8.64 30.66 13.02
N ASN A 351 -8.20 31.66 13.78
CA ASN A 351 -8.49 31.73 15.20
C ASN A 351 -9.44 32.86 15.54
N SER A 352 -10.10 33.43 14.54
CA SER A 352 -11.08 34.50 14.75
C SER A 352 -12.48 33.88 14.72
N ILE A 353 -13.19 33.97 15.86
CA ILE A 353 -14.55 33.42 15.91
C ILE A 353 -15.44 34.11 14.88
N GLU A 354 -15.21 35.40 14.62
CA GLU A 354 -16.04 36.09 13.64
C GLU A 354 -15.80 35.56 12.22
N ASP A 355 -14.55 35.27 11.88
CA ASP A 355 -14.30 34.70 10.55
C ASP A 355 -14.86 33.29 10.42
N ALA A 356 -14.74 32.48 11.49
CA ALA A 356 -15.33 31.15 11.49
C ALA A 356 -16.85 31.22 11.36
N GLN A 357 -17.48 32.19 12.04
CA GLN A 357 -18.91 32.39 11.86
C GLN A 357 -19.24 32.80 10.42
N ALA A 358 -18.40 33.65 9.81
CA ALA A 358 -18.60 34.01 8.41
C ALA A 358 -18.53 32.79 7.50
N VAL A 359 -17.64 31.83 7.83
CA VAL A 359 -17.57 30.59 7.05
C VAL A 359 -18.90 29.84 7.13
N ILE A 360 -19.39 29.60 8.34
CA ILE A 360 -20.64 28.85 8.49
C ILE A 360 -21.79 29.60 7.84
N ASN A 361 -21.77 30.93 7.93
CA ASN A 361 -22.81 31.77 7.32
C ASN A 361 -22.81 31.71 5.80
N GLN A 362 -21.78 31.11 5.19
CA GLN A 362 -21.83 30.86 3.75
C GLN A 362 -23.03 30.00 3.37
N TRP A 363 -23.48 29.14 4.28
CA TRP A 363 -24.53 28.17 4.00
C TRP A 363 -25.75 28.27 4.89
N ARG A 364 -25.60 28.67 6.15
CA ARG A 364 -26.71 28.63 7.10
C ARG A 364 -26.71 29.91 7.93
N ASP A 365 -27.88 30.25 8.46
CA ASP A 365 -27.98 31.40 9.35
C ASP A 365 -28.39 31.00 10.77
N ASP A 366 -28.49 29.70 11.04
CA ASP A 366 -29.00 29.21 12.31
C ASP A 366 -27.96 28.41 13.08
N LEU A 367 -26.70 28.40 12.65
CA LEU A 367 -25.65 27.67 13.34
C LEU A 367 -24.68 28.66 13.96
N GLU A 368 -24.32 28.41 15.22
CA GLU A 368 -23.57 29.38 16.02
C GLU A 368 -22.18 28.84 16.35
N VAL A 369 -21.15 29.58 15.94
CA VAL A 369 -19.77 29.21 16.25
C VAL A 369 -19.44 29.62 17.67
N VAL A 370 -18.84 28.71 18.44
CA VAL A 370 -18.38 29.01 19.78
C VAL A 370 -16.87 28.92 19.94
N ASP A 371 -16.15 28.29 19.00
CA ASP A 371 -14.68 28.22 19.07
C ASP A 371 -14.15 27.94 17.67
N THR A 372 -12.87 28.25 17.45
CA THR A 372 -12.23 27.99 16.17
C THR A 372 -10.73 27.93 16.39
N THR A 373 -10.04 27.15 15.55
CA THR A 373 -8.58 27.09 15.67
C THR A 373 -7.96 26.61 14.36
N GLY A 374 -6.65 26.82 14.28
CA GLY A 374 -5.89 26.34 13.14
C GLY A 374 -4.50 26.92 13.20
N HIS A 375 -3.62 26.35 12.39
CA HIS A 375 -2.25 26.86 12.22
C HIS A 375 -2.06 27.24 10.76
N ASN A 376 -1.71 28.50 10.52
CA ASN A 376 -1.56 29.00 9.15
C ASN A 376 -0.17 28.62 8.64
N TRP A 377 -0.11 27.43 8.04
CA TRP A 377 1.15 26.88 7.54
C TRP A 377 1.83 27.82 6.55
N VAL A 378 1.05 28.53 5.74
CA VAL A 378 1.65 29.38 4.72
C VAL A 378 2.43 30.53 5.37
N ALA A 379 1.96 31.02 6.51
CA ALA A 379 2.63 32.07 7.26
C ALA A 379 3.62 31.53 8.28
N ASP A 380 3.97 30.24 8.19
CA ASP A 380 4.93 29.59 9.07
C ASP A 380 6.27 29.58 8.34
N LYS A 381 7.26 30.29 8.90
CA LYS A 381 8.59 30.44 8.31
C LYS A 381 9.21 29.13 7.83
N TRP A 382 8.90 28.03 8.52
CA TRP A 382 9.55 26.76 8.26
C TRP A 382 8.72 25.86 7.33
N ALA A 383 7.59 26.37 6.84
CA ALA A 383 6.76 25.67 5.88
C ALA A 383 6.49 26.55 4.66
N GLY A 384 5.75 27.65 4.86
CA GLY A 384 5.50 28.57 3.76
C GLY A 384 4.55 28.05 2.71
N GLN A 385 3.82 27.04 3.04
CA GLN A 385 2.87 26.39 2.19
C GLN A 385 2.06 25.43 3.05
N ALA A 386 0.99 24.92 2.49
CA ALA A 386 0.22 23.82 3.09
C ALA A 386 0.77 22.53 2.43
N TRP A 387 -0.07 21.67 1.89
CA TRP A 387 0.48 20.51 1.18
C TRP A 387 0.85 20.96 -0.23
N GLY A 388 1.91 20.40 -0.77
CA GLY A 388 2.36 20.80 -2.09
C GLY A 388 1.42 20.38 -3.20
N THR A 389 1.03 21.34 -4.04
CA THR A 389 0.17 21.11 -5.20
C THR A 389 0.76 21.84 -6.40
N LEU A 390 0.34 21.45 -7.61
CA LEU A 390 1.06 21.83 -8.82
C LEU A 390 0.39 22.98 -9.56
N ARG A 391 1.17 24.02 -9.86
CA ARG A 391 0.77 25.02 -10.84
C ARG A 391 0.91 24.44 -12.25
N LYS A 392 0.25 25.09 -13.21
CA LYS A 392 0.44 24.75 -14.62
C LYS A 392 1.93 24.64 -14.93
N GLY A 393 2.29 23.57 -15.64
CA GLY A 393 3.65 23.35 -16.04
C GLY A 393 4.50 22.61 -15.04
N GLN A 394 4.04 22.47 -13.79
CA GLN A 394 4.89 21.92 -12.74
C GLN A 394 4.81 20.40 -12.64
N PHE A 395 3.87 19.76 -13.36
CA PHE A 395 3.89 18.29 -13.40
C PHE A 395 5.07 17.79 -14.20
N THR A 396 5.36 18.43 -15.34
CA THR A 396 6.45 17.98 -16.20
C THR A 396 7.75 18.78 -16.04
N GLN A 397 7.68 20.00 -15.52
CA GLN A 397 8.88 20.82 -15.31
C GLN A 397 8.79 21.47 -13.93
N GLY A 398 8.63 20.65 -12.91
CA GLY A 398 8.54 21.12 -11.55
C GLY A 398 9.16 20.17 -10.54
N TRP A 399 8.35 19.28 -9.96
CA TRP A 399 8.79 18.47 -8.83
C TRP A 399 9.96 17.56 -9.19
N SER A 400 10.01 17.05 -10.44
CA SER A 400 11.05 16.11 -10.82
C SER A 400 12.42 16.78 -10.99
N LEU A 401 12.45 18.11 -11.09
CA LEU A 401 13.70 18.82 -11.33
C LEU A 401 14.62 18.80 -10.13
N PHE A 402 14.08 18.57 -8.93
CA PHE A 402 14.89 18.60 -7.72
C PHE A 402 15.81 17.39 -7.62
N ASP A 403 15.70 16.45 -8.52
CA ASP A 403 16.54 15.27 -8.54
C ASP A 403 17.77 15.55 -9.41
N ASP A 404 17.71 16.60 -10.20
CA ASP A 404 18.77 16.92 -11.15
C ASP A 404 19.86 17.77 -10.52
N ILE A 405 20.52 17.31 -9.56
CA ILE A 405 21.55 17.92 -8.73
C ILE A 405 22.80 17.06 -8.85
N ASP A 406 23.97 17.53 -9.13
CA ASP A 406 25.13 16.68 -9.21
C ASP A 406 25.83 16.37 -7.91
N SER A 407 25.67 17.24 -6.99
CA SER A 407 26.35 17.14 -5.75
C SER A 407 25.72 16.21 -4.74
N GLN A 408 26.35 16.14 -3.61
CA GLN A 408 25.86 15.35 -2.48
C GLN A 408 24.74 16.04 -1.70
N LEU A 409 24.10 17.05 -2.29
CA LEU A 409 22.86 17.60 -1.78
C LEU A 409 21.70 16.84 -2.41
N PHE A 410 20.82 16.29 -1.59
CA PHE A 410 19.65 15.56 -2.05
C PHE A 410 18.40 16.21 -1.49
N PHE A 411 17.41 16.45 -2.35
CA PHE A 411 16.13 16.98 -1.91
C PHE A 411 15.15 15.82 -1.69
N ALA A 412 14.56 15.77 -0.50
CA ALA A 412 13.59 14.73 -0.16
C ALA A 412 12.40 15.39 0.51
N GLY A 413 11.24 14.79 0.36
CA GLY A 413 10.03 15.35 0.92
C GLY A 413 8.85 14.91 0.09
N SER A 414 7.66 15.05 0.68
CA SER A 414 6.45 14.66 -0.04
C SER A 414 6.35 15.32 -1.40
N ASP A 415 6.77 16.58 -1.52
CA ASP A 415 6.59 17.35 -2.74
C ASP A 415 7.37 16.80 -3.94
N TYR A 416 8.29 15.85 -3.73
CA TYR A 416 9.06 15.30 -4.85
C TYR A 416 8.77 13.82 -5.08
N ALA A 417 7.74 13.27 -4.43
CA ALA A 417 7.44 11.86 -4.54
C ALA A 417 6.89 11.49 -5.92
N TYR A 418 7.08 10.24 -6.29
CA TYR A 418 6.48 9.74 -7.52
C TYR A 418 4.99 9.45 -7.38
N GLY A 419 4.54 9.13 -6.17
CA GLY A 419 3.18 8.65 -5.96
C GLY A 419 2.24 9.72 -5.46
N TRP A 420 1.89 9.66 -4.17
CA TRP A 420 0.95 10.59 -3.56
C TRP A 420 1.70 11.87 -3.17
N ARG A 421 2.14 12.56 -4.20
CA ARG A 421 3.08 13.67 -4.07
C ARG A 421 2.44 14.90 -3.45
N GLY A 422 3.08 15.43 -2.42
CA GLY A 422 2.67 16.68 -1.81
C GLY A 422 1.51 16.50 -0.85
N VAL A 423 0.42 15.97 -1.41
CA VAL A 423 -0.84 15.90 -0.70
C VAL A 423 -0.80 14.94 0.49
N SER A 424 0.12 13.96 0.50
N SER A 424 0.12 13.97 0.50
CA SER A 424 0.04 12.88 1.47
CA SER A 424 0.04 12.90 1.48
C SER A 424 1.34 12.65 2.20
C SER A 424 1.34 12.66 2.22
N VAL A 425 1.21 12.26 3.48
CA VAL A 425 2.33 11.72 4.25
C VAL A 425 2.95 10.53 3.52
N ASP A 426 2.14 9.80 2.74
CA ASP A 426 2.67 8.68 1.95
C ASP A 426 3.83 9.13 1.07
N GLY A 427 3.71 10.33 0.48
CA GLY A 427 4.76 10.83 -0.38
C GLY A 427 6.01 11.21 0.39
N ALA A 428 5.84 11.76 1.59
CA ALA A 428 6.99 12.06 2.44
C ALA A 428 7.72 10.78 2.87
N LEU A 429 6.95 9.76 3.26
CA LEU A 429 7.56 8.50 3.65
C LEU A 429 8.20 7.81 2.47
N GLU A 430 7.59 7.92 1.29
CA GLU A 430 8.19 7.36 0.08
C GLU A 430 9.54 8.03 -0.21
N LYS A 431 9.54 9.35 -0.34
CA LYS A 431 10.72 10.03 -0.86
C LYS A 431 11.82 10.15 0.20
N GLY A 432 11.45 10.24 1.48
CA GLY A 432 12.49 10.19 2.50
C GLY A 432 13.24 8.88 2.46
N MET A 433 12.50 7.78 2.31
CA MET A 433 13.13 6.47 2.30
C MET A 433 13.97 6.26 1.05
N THR A 434 13.43 6.59 -0.13
CA THR A 434 14.18 6.35 -1.37
C THR A 434 15.38 7.28 -1.48
N THR A 435 15.30 8.48 -0.91
CA THR A 435 16.47 9.36 -0.93
C THR A 435 17.57 8.83 -0.03
N ALA A 436 17.20 8.28 1.13
CA ALA A 436 18.17 7.56 1.94
C ALA A 436 18.81 6.42 1.13
N ARG A 437 18.02 5.72 0.33
CA ARG A 437 18.59 4.65 -0.50
C ARG A 437 19.54 5.22 -1.54
N GLN A 438 19.25 6.40 -2.09
CA GLN A 438 20.21 7.03 -3.00
C GLN A 438 21.54 7.24 -2.31
N VAL A 439 21.51 7.72 -1.06
CA VAL A 439 22.74 7.93 -0.31
C VAL A 439 23.41 6.59 0.01
N ILE A 440 22.62 5.60 0.42
CA ILE A 440 23.17 4.29 0.73
C ILE A 440 23.84 3.68 -0.49
N ASN A 441 23.14 3.67 -1.62
CA ASN A 441 23.68 3.05 -2.83
C ASN A 441 24.97 3.75 -3.25
N SER A 442 25.03 5.06 -3.10
CA SER A 442 26.23 5.81 -3.48
C SER A 442 27.41 5.43 -2.60
N MET A 443 27.17 5.26 -1.31
CA MET A 443 28.25 4.87 -0.41
C MET A 443 28.69 3.43 -0.63
N ARG A 444 27.79 2.56 -1.07
CA ARG A 444 28.11 1.15 -1.28
C ARG A 444 29.01 0.95 -2.50
N LYS B 5 21.19 -12.92 19.16
CA LYS B 5 20.52 -13.48 20.31
C LYS B 5 19.03 -13.80 20.04
N VAL B 6 18.36 -13.08 19.13
CA VAL B 6 17.08 -13.55 18.60
C VAL B 6 17.39 -14.50 17.45
N VAL B 7 16.87 -15.72 17.52
CA VAL B 7 17.06 -16.69 16.45
C VAL B 7 15.82 -16.66 15.54
N ILE B 8 16.05 -16.41 14.26
CA ILE B 8 15.01 -16.42 13.24
C ILE B 8 15.15 -17.72 12.45
N ILE B 9 14.07 -18.50 12.39
CA ILE B 9 14.09 -19.76 11.65
C ILE B 9 13.47 -19.52 10.28
N GLY B 10 14.29 -19.60 9.24
CA GLY B 10 13.82 -19.42 7.88
C GLY B 10 14.20 -18.10 7.25
N ALA B 11 14.78 -18.14 6.04
CA ALA B 11 15.15 -16.95 5.30
C ALA B 11 14.24 -16.72 4.10
N GLY B 12 12.93 -16.91 4.29
CA GLY B 12 11.95 -16.38 3.35
C GLY B 12 11.73 -14.90 3.63
N PHE B 13 10.71 -14.34 2.97
CA PHE B 13 10.47 -12.90 3.13
C PHE B 13 10.19 -12.54 4.59
N ALA B 14 9.45 -13.37 5.33
CA ALA B 14 9.11 -13.01 6.70
C ALA B 14 10.35 -12.99 7.59
N GLY B 15 11.22 -13.99 7.45
CA GLY B 15 12.44 -14.01 8.26
C GLY B 15 13.42 -12.91 7.87
N LEU B 16 13.57 -12.66 6.56
CA LEU B 16 14.48 -11.61 6.11
C LEU B 16 14.04 -10.24 6.62
N VAL B 17 12.75 -9.93 6.48
CA VAL B 17 12.30 -8.59 6.89
C VAL B 17 12.29 -8.48 8.41
N ALA B 18 12.07 -9.59 9.12
CA ALA B 18 12.18 -9.57 10.58
C ALA B 18 13.60 -9.26 11.02
N ALA B 19 14.58 -9.87 10.37
CA ALA B 19 15.98 -9.62 10.68
C ALA B 19 16.34 -8.16 10.43
N ARG B 20 15.89 -7.60 9.30
CA ARG B 20 16.20 -6.20 9.02
C ARG B 20 15.57 -5.27 10.05
N GLU B 21 14.35 -5.59 10.52
CA GLU B 21 13.70 -4.79 11.54
C GLU B 21 14.45 -4.84 12.87
N LEU B 22 14.87 -6.03 13.30
CA LEU B 22 15.67 -6.14 14.52
C LEU B 22 16.98 -5.38 14.37
N GLN B 23 17.59 -5.43 13.19
CA GLN B 23 18.82 -4.70 12.95
C GLN B 23 18.61 -3.19 13.13
N THR B 24 17.51 -2.66 12.59
CA THR B 24 17.19 -1.25 12.81
C THR B 24 17.12 -0.91 14.29
N ALA B 25 16.59 -1.82 15.11
CA ALA B 25 16.46 -1.60 16.53
C ALA B 25 17.72 -1.94 17.32
N GLY B 26 18.80 -2.35 16.65
CA GLY B 26 20.03 -2.67 17.35
C GLY B 26 20.03 -3.97 18.11
N ILE B 27 19.15 -4.90 17.76
CA ILE B 27 19.02 -6.18 18.45
C ILE B 27 19.75 -7.25 17.66
N GLU B 28 20.59 -8.02 18.34
CA GLU B 28 21.38 -9.05 17.68
C GLU B 28 20.48 -10.22 17.28
N TYR B 29 20.75 -10.79 16.11
CA TYR B 29 19.93 -11.86 15.58
C TYR B 29 20.81 -12.82 14.79
N GLU B 30 20.22 -13.97 14.47
CA GLU B 30 20.84 -14.90 13.53
C GLU B 30 19.72 -15.58 12.78
N ILE B 31 19.84 -15.70 11.46
CA ILE B 31 18.86 -16.43 10.66
C ILE B 31 19.44 -17.81 10.36
N LEU B 32 18.69 -18.85 10.69
CA LEU B 32 19.02 -20.23 10.34
C LEU B 32 18.07 -20.72 9.24
N GLU B 33 18.64 -21.11 8.09
CA GLU B 33 17.86 -21.52 6.93
C GLU B 33 18.24 -22.95 6.55
N ALA B 34 17.22 -23.79 6.34
CA ALA B 34 17.47 -25.20 6.04
C ALA B 34 18.10 -25.39 4.67
N LYS B 35 17.68 -24.62 3.69
CA LYS B 35 18.10 -24.81 2.31
C LYS B 35 19.46 -24.15 2.05
N ASP B 36 19.98 -24.40 0.84
CA ASP B 36 21.19 -23.76 0.33
C ASP B 36 20.89 -22.45 -0.40
N ARG B 37 19.73 -21.86 -0.15
CA ARG B 37 19.29 -20.65 -0.82
C ARG B 37 18.36 -19.87 0.09
N ILE B 38 18.19 -18.58 -0.20
CA ILE B 38 17.22 -17.75 0.50
C ILE B 38 16.04 -17.49 -0.43
N GLY B 39 14.94 -17.00 0.17
CA GLY B 39 13.75 -16.63 -0.54
C GLY B 39 12.55 -17.50 -0.23
N GLY B 40 12.77 -18.76 0.16
CA GLY B 40 11.67 -19.61 0.56
C GLY B 40 10.72 -19.90 -0.61
N ARG B 41 9.44 -19.65 -0.39
CA ARG B 41 8.45 -19.90 -1.43
C ARG B 41 8.41 -18.80 -2.49
N ALA B 42 9.28 -17.80 -2.39
CA ALA B 42 9.64 -16.97 -3.53
C ALA B 42 10.97 -17.47 -4.09
N TRP B 43 10.99 -17.80 -5.39
CA TRP B 43 12.18 -18.42 -5.97
C TRP B 43 12.24 -18.06 -7.45
N THR B 44 13.08 -17.09 -7.80
CA THR B 44 13.34 -16.74 -9.19
C THR B 44 14.52 -17.54 -9.71
N GLU B 45 14.33 -18.25 -10.82
CA GLU B 45 15.39 -19.07 -11.35
C GLU B 45 15.29 -19.20 -12.86
N GLU B 46 16.45 -19.21 -13.53
CA GLU B 46 16.51 -19.48 -14.95
C GLU B 46 16.03 -20.90 -15.25
N ARG B 47 14.96 -21.01 -16.04
CA ARG B 47 14.44 -22.29 -16.52
C ARG B 47 13.82 -22.07 -17.89
N MET B 48 13.97 -23.05 -18.79
CA MET B 48 13.40 -22.99 -20.14
C MET B 48 13.76 -21.70 -20.86
N GLY B 49 14.94 -21.14 -20.57
CA GLY B 49 15.47 -20.05 -21.35
C GLY B 49 15.28 -18.64 -20.80
N ARG B 50 14.70 -18.48 -19.63
CA ARG B 50 14.53 -17.16 -19.03
C ARG B 50 14.31 -17.32 -17.54
N PRO B 51 14.39 -16.23 -16.77
CA PRO B 51 14.05 -16.32 -15.34
C PRO B 51 12.56 -16.59 -15.17
N LEU B 52 12.23 -17.62 -14.39
CA LEU B 52 10.85 -17.95 -14.10
C LEU B 52 10.64 -17.96 -12.59
N GLU B 53 9.46 -17.54 -12.16
CA GLU B 53 9.09 -17.59 -10.75
C GLU B 53 8.51 -18.97 -10.45
N LEU B 54 9.26 -19.78 -9.70
CA LEU B 54 8.75 -21.09 -9.34
C LEU B 54 7.74 -21.01 -8.20
N GLY B 55 7.73 -19.85 -7.53
CA GLY B 55 6.82 -19.59 -6.42
C GLY B 55 5.88 -18.42 -6.71
N ALA B 56 6.02 -17.34 -5.94
CA ALA B 56 5.17 -16.15 -6.11
C ALA B 56 5.58 -15.34 -7.33
N THR B 57 4.60 -14.78 -8.05
CA THR B 57 4.89 -14.03 -9.27
C THR B 57 4.18 -12.69 -9.49
N TRP B 58 3.26 -12.26 -8.62
CA TRP B 58 2.55 -11.02 -8.91
C TRP B 58 2.47 -10.09 -7.70
N VAL B 59 2.48 -8.78 -7.99
CA VAL B 59 2.54 -7.72 -6.99
C VAL B 59 1.60 -6.58 -7.39
N HIS B 60 1.39 -5.63 -6.48
CA HIS B 60 0.56 -4.46 -6.78
C HIS B 60 0.83 -3.36 -5.75
N TRP B 61 0.61 -2.10 -6.16
CA TRP B 61 0.85 -0.96 -5.28
C TRP B 61 -0.21 -0.82 -4.19
N PHE B 62 -1.32 -1.53 -4.29
CA PHE B 62 -2.28 -1.59 -3.19
C PHE B 62 -1.87 -2.60 -2.12
N GLN B 63 -0.69 -3.23 -2.25
CA GLN B 63 -0.14 -4.14 -1.25
C GLN B 63 0.98 -3.37 -0.54
N ALA B 64 0.68 -2.86 0.65
CA ALA B 64 1.55 -1.85 1.26
C ALA B 64 2.96 -2.37 1.52
N HIS B 65 3.08 -3.57 2.08
CA HIS B 65 4.38 -4.08 2.47
C HIS B 65 5.22 -4.49 1.26
N THR B 66 4.62 -5.19 0.30
CA THR B 66 5.32 -5.52 -0.94
C THR B 66 5.75 -4.27 -1.68
N TRP B 67 4.83 -3.30 -1.81
CA TRP B 67 5.14 -2.13 -2.63
C TRP B 67 6.26 -1.30 -2.01
N THR B 68 6.29 -1.17 -0.68
CA THR B 68 7.40 -0.41 -0.10
C THR B 68 8.75 -1.05 -0.41
N GLU B 69 8.82 -2.38 -0.46
CA GLU B 69 10.08 -3.04 -0.80
C GLU B 69 10.43 -2.84 -2.27
N ILE B 70 9.42 -2.89 -3.13
CA ILE B 70 9.62 -2.60 -4.56
C ILE B 70 10.25 -1.23 -4.72
N MET B 71 9.72 -0.24 -4.02
CA MET B 71 10.29 1.11 -4.07
C MET B 71 11.70 1.13 -3.47
N ARG B 72 11.86 0.50 -2.30
CA ARG B 72 13.15 0.51 -1.60
C ARG B 72 14.28 -0.02 -2.47
N TYR B 73 14.05 -1.14 -3.16
CA TYR B 73 15.13 -1.81 -3.89
C TYR B 73 15.12 -1.49 -5.38
N GLY B 74 14.54 -0.35 -5.76
CA GLY B 74 14.75 0.19 -7.09
C GLY B 74 13.89 -0.37 -8.19
N GLN B 75 12.77 -1.01 -7.84
CA GLN B 75 11.97 -1.73 -8.82
C GLN B 75 10.69 -1.01 -9.22
N ARG B 76 10.55 0.28 -8.85
CA ARG B 76 9.33 1.05 -9.10
C ARG B 76 8.82 0.92 -10.53
N THR B 77 9.71 1.06 -11.52
CA THR B 77 9.31 0.99 -12.92
C THR B 77 9.63 -0.36 -13.55
N GLU B 78 10.09 -1.33 -12.77
CA GLU B 78 10.47 -2.64 -13.29
C GLU B 78 9.36 -3.66 -13.07
N ILE B 79 8.14 -3.28 -13.41
CA ILE B 79 7.00 -4.19 -13.38
C ILE B 79 6.35 -4.18 -14.75
N THR B 80 5.80 -5.32 -15.14
CA THR B 80 5.19 -5.50 -16.45
C THR B 80 3.92 -6.32 -16.27
N ALA B 81 2.84 -5.91 -16.95
CA ALA B 81 1.58 -6.64 -16.84
C ALA B 81 1.65 -7.93 -17.65
N SER B 82 1.05 -9.00 -17.11
CA SER B 82 0.89 -10.23 -17.85
C SER B 82 0.09 -10.00 -19.13
N PRO B 83 0.25 -10.87 -20.14
CA PRO B 83 -0.52 -10.71 -21.37
C PRO B 83 -2.02 -10.77 -21.14
N SER B 84 -2.76 -9.93 -21.85
CA SER B 84 -4.22 -9.91 -21.79
C SER B 84 -4.77 -9.94 -23.21
N GLY B 85 -6.09 -9.89 -23.32
CA GLY B 85 -6.71 -10.09 -24.62
C GLY B 85 -6.47 -11.47 -25.18
N ASN B 86 -6.37 -12.48 -24.33
CA ASN B 86 -6.14 -13.84 -24.79
C ASN B 86 -7.43 -14.44 -25.33
N ASP B 87 -7.28 -15.42 -26.21
CA ASP B 87 -8.42 -16.25 -26.59
C ASP B 87 -8.75 -17.18 -25.43
N ALA B 88 -9.98 -17.10 -24.94
CA ALA B 88 -10.37 -17.79 -23.73
C ALA B 88 -11.09 -19.09 -24.04
N HIS B 89 -10.90 -20.06 -23.14
CA HIS B 89 -11.46 -21.41 -23.24
C HIS B 89 -11.89 -21.83 -21.85
N TRP B 90 -13.08 -22.41 -21.72
CA TRP B 90 -13.47 -22.91 -20.41
C TRP B 90 -14.28 -24.18 -20.55
N VAL B 91 -14.07 -25.11 -19.63
CA VAL B 91 -14.71 -26.42 -19.66
C VAL B 91 -15.96 -26.37 -18.80
N THR B 92 -17.11 -26.78 -19.36
CA THR B 92 -18.22 -26.79 -18.42
C THR B 92 -18.83 -28.19 -18.28
N ASP B 93 -19.67 -28.62 -19.18
CA ASP B 93 -20.28 -29.95 -19.02
C ASP B 93 -19.48 -30.98 -19.81
N GLY B 94 -18.19 -31.03 -19.49
CA GLY B 94 -17.26 -31.81 -20.28
C GLY B 94 -17.04 -31.28 -21.68
N LYS B 95 -17.42 -30.03 -21.96
CA LYS B 95 -17.26 -29.43 -23.28
C LYS B 95 -16.40 -28.18 -23.14
N VAL B 96 -15.63 -27.87 -24.19
CA VAL B 96 -14.77 -26.70 -24.21
C VAL B 96 -15.52 -25.56 -24.91
N VAL B 97 -15.83 -24.50 -24.15
CA VAL B 97 -16.43 -23.28 -24.69
C VAL B 97 -15.30 -22.33 -25.07
N LYS B 98 -15.44 -21.67 -26.23
CA LYS B 98 -14.50 -20.66 -26.68
C LYS B 98 -15.14 -19.27 -26.59
N GLY B 99 -14.39 -18.31 -26.11
CA GLY B 99 -14.91 -16.96 -26.01
C GLY B 99 -13.80 -15.98 -25.80
N THR B 100 -14.16 -14.78 -25.39
CA THR B 100 -13.20 -13.72 -25.13
C THR B 100 -12.94 -13.62 -23.64
N GLU B 101 -11.84 -12.94 -23.31
CA GLU B 101 -11.58 -12.62 -21.91
C GLU B 101 -12.71 -11.77 -21.33
N ASP B 102 -13.27 -10.86 -22.14
CA ASP B 102 -14.38 -10.05 -21.67
C ASP B 102 -15.60 -10.90 -21.33
N ASP B 103 -15.89 -11.93 -22.16
CA ASP B 103 -16.95 -12.87 -21.83
C ASP B 103 -16.72 -13.45 -20.45
N LEU B 104 -15.51 -13.97 -20.22
CA LEU B 104 -15.23 -14.71 -19.01
C LEU B 104 -15.18 -13.76 -17.82
N ASP B 105 -14.55 -12.60 -17.98
CA ASP B 105 -14.44 -11.64 -16.89
C ASP B 105 -15.82 -11.13 -16.46
N GLU B 106 -16.75 -10.97 -17.41
CA GLU B 106 -18.10 -10.53 -17.04
C GLU B 106 -18.82 -11.59 -16.21
N LYS B 107 -18.64 -12.87 -16.52
CA LYS B 107 -19.26 -13.91 -15.70
C LYS B 107 -18.65 -13.94 -14.30
N LEU B 108 -17.33 -13.82 -14.21
CA LEU B 108 -16.69 -13.81 -12.90
C LEU B 108 -17.06 -12.57 -12.09
N THR B 109 -17.25 -11.43 -12.76
CA THR B 109 -17.62 -10.21 -12.03
C THR B 109 -18.98 -10.37 -11.36
N ALA B 110 -19.96 -10.92 -12.08
CA ALA B 110 -21.26 -11.15 -11.47
C ALA B 110 -21.16 -12.16 -10.34
N ALA B 111 -20.42 -13.24 -10.55
CA ALA B 111 -20.29 -14.26 -9.51
C ALA B 111 -19.60 -13.70 -8.27
N MET B 112 -18.59 -12.84 -8.47
CA MET B 112 -17.87 -12.29 -7.33
C MET B 112 -18.74 -11.35 -6.51
N GLY B 113 -19.66 -10.62 -7.16
CA GLY B 113 -20.58 -9.78 -6.42
C GLY B 113 -21.33 -10.55 -5.34
N VAL B 114 -21.83 -11.73 -5.70
CA VAL B 114 -22.51 -12.57 -4.73
C VAL B 114 -21.53 -13.16 -3.72
N THR B 115 -20.32 -13.50 -4.19
CA THR B 115 -19.32 -14.12 -3.31
C THR B 115 -18.86 -13.16 -2.22
N TYR B 116 -18.75 -11.87 -2.54
CA TYR B 116 -18.28 -10.89 -1.57
C TYR B 116 -19.36 -10.48 -0.58
N GLU B 117 -20.63 -10.85 -0.81
CA GLU B 117 -21.73 -10.33 0.00
C GLU B 117 -21.46 -10.50 1.48
N GLY B 118 -21.65 -9.42 2.24
CA GLY B 118 -21.34 -9.39 3.64
C GLY B 118 -20.01 -8.73 3.98
N SER B 119 -19.12 -8.57 2.99
CA SER B 119 -17.79 -8.03 3.28
C SER B 119 -17.85 -6.63 3.85
N GLU B 120 -18.85 -5.82 3.47
CA GLU B 120 -18.93 -4.47 4.01
C GLU B 120 -19.34 -4.47 5.48
N GLU B 121 -20.13 -5.47 5.90
CA GLU B 121 -20.49 -5.59 7.31
C GLU B 121 -19.38 -6.25 8.12
N TYR B 122 -18.66 -7.21 7.52
CA TYR B 122 -17.62 -7.93 8.24
C TYR B 122 -16.33 -7.13 8.35
N PHE B 123 -15.97 -6.41 7.28
CA PHE B 123 -14.60 -5.89 7.12
C PHE B 123 -14.59 -4.40 6.79
N PRO B 124 -15.26 -3.56 7.61
CA PRO B 124 -15.13 -2.10 7.37
C PRO B 124 -13.68 -1.66 7.34
N ASN B 125 -12.87 -2.22 8.23
CA ASN B 125 -11.42 -2.15 8.16
C ASN B 125 -10.96 -3.51 7.67
N PRO B 126 -10.56 -3.66 6.39
CA PRO B 126 -10.24 -5.00 5.89
C PRO B 126 -8.97 -5.57 6.49
N HIS B 127 -8.24 -4.80 7.30
CA HIS B 127 -7.10 -5.31 8.02
C HIS B 127 -7.42 -5.67 9.46
N ASP B 128 -8.72 -5.70 9.82
CA ASP B 128 -9.18 -6.21 11.10
C ASP B 128 -10.17 -7.34 10.82
N PRO B 129 -9.66 -8.48 10.33
CA PRO B 129 -10.56 -9.55 9.86
C PRO B 129 -11.44 -10.19 10.93
N LEU B 130 -11.05 -10.16 12.21
CA LEU B 130 -11.86 -10.79 13.24
C LEU B 130 -12.62 -9.77 14.09
N TRP B 131 -12.80 -8.56 13.57
CA TRP B 131 -13.56 -7.54 14.27
C TRP B 131 -14.93 -8.04 14.71
N VAL B 132 -15.61 -8.81 13.85
CA VAL B 132 -16.99 -9.24 14.15
C VAL B 132 -17.03 -10.07 15.43
N LEU B 133 -15.94 -10.74 15.76
CA LEU B 133 -15.89 -11.57 16.95
C LEU B 133 -15.31 -10.86 18.16
N SER B 134 -14.91 -9.59 18.00
CA SER B 134 -14.31 -8.85 19.10
C SER B 134 -15.40 -8.27 20.00
N ASP B 135 -14.99 -7.92 21.22
CA ASP B 135 -15.92 -7.27 22.14
C ASP B 135 -16.33 -5.88 21.65
N ASP B 136 -15.55 -5.28 20.75
CA ASP B 136 -15.90 -3.98 20.20
C ASP B 136 -16.93 -4.06 19.08
N PHE B 137 -17.31 -5.27 18.63
CA PHE B 137 -18.29 -5.38 17.56
C PHE B 137 -19.62 -4.79 18.01
N ASP B 138 -20.15 -3.86 17.21
CA ASP B 138 -21.35 -3.12 17.56
C ASP B 138 -22.47 -3.30 16.53
N GLY B 139 -22.41 -4.36 15.73
CA GLY B 139 -23.42 -4.58 14.72
C GLY B 139 -24.47 -5.57 15.19
N PRO B 140 -25.43 -5.87 14.32
CA PRO B 140 -26.52 -6.80 14.71
C PRO B 140 -26.01 -8.21 14.94
N ALA B 141 -26.69 -8.92 15.84
CA ALA B 141 -26.31 -10.28 16.17
C ALA B 141 -26.36 -11.19 14.95
N GLU B 142 -27.27 -10.90 14.01
CA GLU B 142 -27.36 -11.71 12.80
C GLU B 142 -26.08 -11.64 11.98
N VAL B 143 -25.36 -10.52 12.03
CA VAL B 143 -24.13 -10.39 11.28
C VAL B 143 -23.07 -11.35 11.83
N ARG B 144 -22.97 -11.46 13.15
CA ARG B 144 -22.03 -12.41 13.74
C ARG B 144 -22.42 -13.85 13.44
N GLU B 145 -23.73 -14.15 13.46
CA GLU B 145 -24.17 -15.50 13.10
C GLU B 145 -23.80 -15.83 11.66
N ARG B 146 -24.04 -14.90 10.73
CA ARG B 146 -23.74 -15.17 9.33
C ARG B 146 -22.23 -15.28 9.11
N PHE B 147 -21.45 -14.48 9.84
CA PHE B 147 -19.99 -14.56 9.77
C PHE B 147 -19.51 -15.96 10.14
N LEU B 148 -19.98 -16.47 11.27
CA LEU B 148 -19.56 -17.81 11.69
C LEU B 148 -20.04 -18.87 10.72
N SER B 149 -21.25 -18.71 10.17
CA SER B 149 -21.76 -19.67 9.20
C SER B 149 -20.97 -19.64 7.90
N ASP B 150 -20.50 -18.46 7.50
CA ASP B 150 -19.72 -18.34 6.28
C ASP B 150 -18.36 -19.02 6.41
N ASP B 151 -17.83 -19.16 7.63
CA ASP B 151 -16.59 -19.92 7.80
C ASP B 151 -16.79 -21.40 7.51
N GLN B 152 -18.04 -21.88 7.52
CA GLN B 152 -18.35 -23.29 7.28
C GLN B 152 -18.95 -23.53 5.90
N THR B 153 -18.89 -22.53 5.01
CA THR B 153 -19.42 -22.61 3.67
C THR B 153 -18.30 -22.35 2.69
N ASN B 154 -18.25 -23.12 1.60
CA ASN B 154 -17.22 -22.83 0.60
C ASN B 154 -17.72 -21.78 -0.39
N ALA B 155 -16.79 -21.25 -1.17
CA ALA B 155 -17.11 -20.12 -2.06
C ALA B 155 -17.98 -20.56 -3.23
N ILE B 156 -17.88 -21.81 -3.65
CA ILE B 156 -18.65 -22.26 -4.80
C ILE B 156 -20.13 -22.40 -4.43
N ASP B 157 -20.42 -22.83 -3.20
CA ASP B 157 -21.82 -23.01 -2.81
C ASP B 157 -22.55 -21.67 -2.76
N LEU B 158 -21.85 -20.58 -2.46
CA LEU B 158 -22.50 -19.26 -2.50
C LEU B 158 -23.03 -18.96 -3.89
N VAL B 159 -22.29 -19.36 -4.92
CA VAL B 159 -22.70 -19.10 -6.30
C VAL B 159 -23.81 -20.06 -6.72
N LYS B 160 -23.72 -21.33 -6.32
CA LYS B 160 -24.80 -22.28 -6.56
C LYS B 160 -26.10 -21.79 -5.94
N GLU B 161 -26.05 -21.35 -4.68
CA GLU B 161 -27.27 -20.98 -3.97
C GLU B 161 -27.90 -19.70 -4.53
N ALA B 162 -27.10 -18.84 -5.17
CA ALA B 162 -27.63 -17.64 -5.78
C ALA B 162 -28.32 -17.92 -7.12
N GLY B 163 -28.29 -19.16 -7.60
CA GLY B 163 -29.01 -19.52 -8.80
C GLY B 163 -28.25 -19.40 -10.10
N PHE B 164 -26.92 -19.23 -10.06
CA PHE B 164 -26.15 -19.21 -11.29
C PHE B 164 -26.24 -20.55 -12.01
N ASP B 165 -26.11 -20.51 -13.34
CA ASP B 165 -26.21 -21.75 -14.12
C ASP B 165 -24.90 -22.54 -14.04
N GLN B 166 -24.96 -23.76 -14.60
CA GLN B 166 -23.83 -24.68 -14.50
C GLN B 166 -22.58 -24.12 -15.16
N GLU B 167 -22.73 -23.37 -16.26
CA GLU B 167 -21.56 -22.83 -16.93
C GLU B 167 -20.79 -21.89 -16.00
N THR B 168 -21.51 -21.00 -15.31
CA THR B 168 -20.85 -20.12 -14.36
C THR B 168 -20.32 -20.89 -13.15
N ILE B 169 -21.05 -21.90 -12.70
CA ILE B 169 -20.56 -22.72 -11.59
C ILE B 169 -19.24 -23.37 -11.96
N ASP B 170 -19.14 -23.92 -13.17
CA ASP B 170 -17.90 -24.57 -13.59
C ASP B 170 -16.76 -23.57 -13.71
N LEU B 171 -17.06 -22.34 -14.12
CA LEU B 171 -16.03 -21.32 -14.19
C LEU B 171 -15.54 -20.92 -12.81
N VAL B 172 -16.46 -20.75 -11.87
CA VAL B 172 -16.12 -20.39 -10.50
C VAL B 172 -15.36 -21.53 -9.83
N ASP B 173 -15.77 -22.77 -10.09
CA ASP B 173 -15.06 -23.94 -9.62
C ASP B 173 -13.59 -23.88 -10.06
N ALA B 174 -13.35 -23.69 -11.37
CA ALA B 174 -11.98 -23.55 -11.87
C ALA B 174 -11.25 -22.41 -11.17
N PHE B 175 -11.89 -21.25 -11.08
CA PHE B 175 -11.27 -20.06 -10.49
C PHE B 175 -10.76 -20.34 -9.09
N TRP B 176 -11.58 -20.98 -8.26
CA TRP B 176 -11.20 -21.18 -6.86
C TRP B 176 -10.33 -22.41 -6.66
N CYS B 177 -10.32 -23.35 -7.60
CA CYS B 177 -9.27 -24.37 -7.58
C CYS B 177 -7.90 -23.70 -7.61
N ALA B 178 -7.75 -22.66 -8.45
CA ALA B 178 -6.52 -21.87 -8.45
C ALA B 178 -6.39 -21.03 -7.18
N GLY B 179 -7.44 -20.28 -6.82
CA GLY B 179 -7.33 -19.33 -5.72
C GLY B 179 -7.09 -19.99 -4.37
N TYR B 180 -7.80 -21.08 -4.09
CA TYR B 180 -7.56 -21.87 -2.88
C TYR B 180 -6.37 -22.82 -3.03
N ILE B 181 -5.77 -22.87 -4.24
CA ILE B 181 -4.65 -23.74 -4.61
C ILE B 181 -4.80 -25.10 -3.93
N GLY B 182 -5.96 -25.69 -4.15
CA GLY B 182 -6.40 -26.87 -3.43
C GLY B 182 -7.88 -27.08 -3.71
N ASP B 183 -8.42 -28.11 -3.08
CA ASP B 183 -9.84 -28.42 -3.28
C ASP B 183 -10.69 -27.25 -2.79
N PRO B 184 -11.36 -26.51 -3.67
CA PRO B 184 -12.12 -25.35 -3.18
C PRO B 184 -13.33 -25.75 -2.36
N TYR B 185 -13.80 -26.99 -2.49
CA TYR B 185 -15.02 -27.38 -1.79
C TYR B 185 -14.79 -27.57 -0.29
N THR B 186 -13.54 -27.74 0.13
CA THR B 186 -13.24 -27.82 1.55
C THR B 186 -12.88 -26.46 2.16
N GLY B 187 -12.85 -25.38 1.34
CA GLY B 187 -12.37 -24.10 1.80
C GLY B 187 -13.41 -23.23 2.50
N SER B 188 -12.93 -22.22 3.21
CA SER B 188 -13.79 -21.27 3.90
C SER B 188 -14.05 -20.07 2.99
N ALA B 189 -15.34 -19.79 2.74
CA ALA B 189 -15.69 -18.65 1.90
C ALA B 189 -15.24 -17.32 2.49
N LEU B 190 -14.99 -17.27 3.80
CA LEU B 190 -14.55 -16.01 4.39
C LEU B 190 -13.20 -15.56 3.81
N MET B 191 -12.36 -16.49 3.35
CA MET B 191 -11.12 -16.07 2.69
C MET B 191 -11.43 -15.22 1.47
N ALA B 192 -12.31 -15.71 0.59
CA ALA B 192 -12.69 -14.97 -0.60
C ALA B 192 -13.32 -13.63 -0.26
N LYS B 193 -14.15 -13.60 0.78
CA LYS B 193 -14.78 -12.35 1.20
C LYS B 193 -13.73 -11.32 1.65
N GLN B 194 -12.69 -11.77 2.36
CA GLN B 194 -11.67 -10.80 2.77
C GLN B 194 -10.82 -10.34 1.59
N TRP B 195 -10.53 -11.23 0.64
CA TRP B 195 -9.88 -10.78 -0.60
C TRP B 195 -10.70 -9.67 -1.24
N GLY B 196 -12.02 -9.84 -1.31
CA GLY B 196 -12.86 -8.77 -1.83
C GLY B 196 -12.70 -7.48 -1.05
N ALA B 197 -12.74 -7.58 0.29
CA ALA B 197 -12.66 -6.38 1.12
C ALA B 197 -11.33 -5.64 0.94
N LEU B 198 -10.26 -6.38 0.65
CA LEU B 198 -8.96 -5.77 0.40
C LEU B 198 -8.82 -5.24 -1.02
N SER B 199 -9.85 -5.47 -1.85
CA SER B 199 -9.83 -5.21 -3.27
C SER B 199 -10.97 -4.27 -3.66
N ASP B 200 -11.42 -3.45 -2.71
CA ASP B 200 -12.54 -2.54 -2.91
C ASP B 200 -13.80 -3.27 -3.39
N ASN B 201 -13.90 -4.56 -3.05
CA ASN B 201 -15.08 -5.39 -3.37
C ASN B 201 -15.37 -5.42 -4.86
N ARG B 202 -14.33 -5.43 -5.67
CA ARG B 202 -14.50 -5.49 -7.12
C ARG B 202 -13.56 -6.53 -7.70
N TYR B 203 -14.12 -7.43 -8.53
CA TYR B 203 -13.35 -8.51 -9.12
C TYR B 203 -12.12 -7.99 -9.85
N ARG B 204 -12.28 -6.94 -10.66
CA ARG B 204 -11.16 -6.47 -11.47
C ARG B 204 -10.01 -6.00 -10.60
N VAL B 205 -10.29 -5.34 -9.48
CA VAL B 205 -9.23 -4.92 -8.58
C VAL B 205 -8.55 -6.14 -7.96
N MET B 206 -9.35 -7.12 -7.54
CA MET B 206 -8.76 -8.32 -6.95
C MET B 206 -7.83 -9.03 -7.93
N GLU B 207 -8.23 -9.11 -9.21
CA GLU B 207 -7.37 -9.72 -10.21
C GLU B 207 -6.17 -8.84 -10.52
N ASP B 208 -6.37 -7.51 -10.50
CA ASP B 208 -5.24 -6.60 -10.71
C ASP B 208 -4.20 -6.77 -9.61
N ILE B 209 -4.65 -7.02 -8.37
CA ILE B 209 -3.72 -7.11 -7.24
C ILE B 209 -2.97 -8.43 -7.25
N THR B 210 -3.64 -9.52 -7.64
CA THR B 210 -3.10 -10.85 -7.44
C THR B 210 -2.57 -11.53 -8.69
N LEU B 211 -2.91 -11.03 -9.90
CA LEU B 211 -2.68 -11.82 -11.10
C LEU B 211 -2.32 -10.95 -12.31
N LYS B 212 -1.66 -9.81 -12.08
CA LYS B 212 -1.39 -8.91 -13.21
C LYS B 212 0.07 -8.48 -13.33
N TRP B 213 0.62 -7.81 -12.31
CA TRP B 213 1.93 -7.17 -12.45
C TRP B 213 3.05 -8.10 -11.98
N LYS B 214 4.01 -8.36 -12.86
CA LYS B 214 5.19 -9.18 -12.57
C LYS B 214 6.42 -8.29 -12.38
N LEU B 215 7.39 -8.79 -11.63
CA LEU B 215 8.67 -8.12 -11.43
C LEU B 215 9.64 -8.48 -12.55
N ASN B 216 10.06 -7.48 -13.34
CA ASN B 216 11.02 -7.76 -14.42
C ASN B 216 12.27 -8.46 -13.90
N ASN B 217 12.74 -8.05 -12.72
CA ASN B 217 13.95 -8.62 -12.13
C ASN B 217 13.62 -9.67 -11.07
N GLY B 218 12.36 -10.06 -10.97
CA GLY B 218 11.97 -11.19 -10.15
C GLY B 218 11.84 -10.85 -8.67
N MET B 219 11.17 -11.74 -7.95
CA MET B 219 11.15 -11.66 -6.49
C MET B 219 12.56 -11.62 -5.92
N ARG B 220 13.54 -12.21 -6.61
CA ARG B 220 14.90 -12.23 -6.08
C ARG B 220 15.47 -10.83 -5.94
N SER B 221 15.03 -9.87 -6.77
CA SER B 221 15.50 -8.51 -6.60
C SER B 221 15.09 -7.95 -5.23
N LEU B 222 13.99 -8.44 -4.69
CA LEU B 222 13.53 -8.03 -3.37
C LEU B 222 14.19 -8.84 -2.26
N TYR B 223 14.19 -10.18 -2.37
CA TYR B 223 14.75 -10.92 -1.24
C TYR B 223 16.27 -10.80 -1.19
N ASP B 224 16.94 -10.73 -2.35
CA ASP B 224 18.38 -10.44 -2.31
C ASP B 224 18.65 -9.03 -1.83
N GLY B 225 17.71 -8.11 -2.09
CA GLY B 225 17.85 -6.75 -1.59
C GLY B 225 17.83 -6.70 -0.07
N ILE B 226 16.85 -7.38 0.54
CA ILE B 226 16.77 -7.41 2.00
C ILE B 226 18.00 -8.09 2.59
N ALA B 227 18.40 -9.24 2.03
CA ALA B 227 19.57 -9.93 2.55
C ALA B 227 20.82 -9.08 2.43
N GLY B 228 20.94 -8.30 1.35
CA GLY B 228 22.09 -7.42 1.19
C GLY B 228 22.17 -6.32 2.23
N ASP B 229 21.06 -5.96 2.86
CA ASP B 229 21.03 -4.99 3.94
C ASP B 229 21.49 -5.57 5.27
N LEU B 230 21.47 -6.88 5.44
CA LEU B 230 21.73 -7.48 6.74
C LEU B 230 23.23 -7.50 7.03
N ASN B 231 23.59 -7.15 8.25
CA ASN B 231 24.99 -7.14 8.64
C ASN B 231 25.43 -8.46 9.26
N THR B 232 24.54 -9.44 9.35
CA THR B 232 24.82 -10.75 9.94
C THR B 232 24.61 -11.81 8.87
N ASP B 233 25.64 -12.63 8.63
CA ASP B 233 25.52 -13.66 7.60
C ASP B 233 24.41 -14.64 7.94
N ILE B 234 23.63 -14.99 6.92
CA ILE B 234 22.60 -16.02 7.05
C ILE B 234 23.26 -17.39 7.08
N ARG B 235 22.85 -18.23 8.01
CA ARG B 235 23.40 -19.59 8.11
C ARG B 235 22.55 -20.50 7.24
N LEU B 236 23.02 -20.78 6.04
CA LEU B 236 22.37 -21.71 5.14
C LEU B 236 22.68 -23.15 5.56
N ASN B 237 21.91 -24.08 4.99
CA ASN B 237 22.12 -25.52 5.22
C ASN B 237 22.12 -25.84 6.71
N THR B 238 21.29 -25.13 7.47
CA THR B 238 21.22 -25.27 8.93
C THR B 238 19.76 -25.45 9.34
N PRO B 239 19.19 -26.63 9.11
CA PRO B 239 17.81 -26.88 9.56
C PRO B 239 17.74 -26.92 11.07
N VAL B 240 16.68 -26.33 11.62
CA VAL B 240 16.36 -26.43 13.04
C VAL B 240 15.57 -27.71 13.28
N ALA B 241 15.96 -28.46 14.31
CA ALA B 241 15.25 -29.67 14.71
C ALA B 241 14.43 -29.53 15.98
N LYS B 242 14.79 -28.62 16.88
CA LYS B 242 14.12 -28.54 18.18
C LYS B 242 14.11 -27.09 18.67
N VAL B 243 13.00 -26.67 19.25
CA VAL B 243 12.88 -25.37 19.89
C VAL B 243 12.36 -25.59 21.30
N GLU B 244 13.18 -25.24 22.29
CA GLU B 244 12.75 -25.15 23.68
C GLU B 244 12.46 -23.67 23.96
N HIS B 245 11.34 -23.39 24.61
CA HIS B 245 10.89 -22.02 24.73
C HIS B 245 10.25 -21.80 26.09
N HIS B 246 10.62 -20.70 26.75
CA HIS B 246 10.15 -20.43 28.10
C HIS B 246 9.95 -18.92 28.25
N ASP B 247 9.45 -18.52 29.43
CA ASP B 247 9.19 -17.12 29.71
C ASP B 247 10.44 -16.26 29.57
N ASN B 248 11.62 -16.84 29.80
CA ASN B 248 12.85 -16.10 29.95
C ASN B 248 13.80 -16.22 28.76
N GLY B 249 13.64 -17.25 27.93
CA GLY B 249 14.53 -17.44 26.81
C GLY B 249 14.14 -18.67 26.02
N ALA B 250 15.06 -19.10 25.15
CA ALA B 250 14.82 -20.22 24.26
C ALA B 250 16.14 -20.93 23.96
N THR B 251 16.05 -22.19 23.54
CA THR B 251 17.20 -22.98 23.13
C THR B 251 16.83 -23.68 21.84
N VAL B 252 17.63 -23.47 20.80
CA VAL B 252 17.41 -24.03 19.47
C VAL B 252 18.47 -25.09 19.22
N THR B 253 18.04 -26.27 18.76
CA THR B 253 18.98 -27.32 18.38
C THR B 253 18.84 -27.58 16.88
N THR B 254 19.96 -27.58 16.18
CA THR B 254 19.95 -27.83 14.75
C THR B 254 19.99 -29.33 14.48
N GLU B 255 19.80 -29.68 13.20
CA GLU B 255 19.86 -31.07 12.77
C GLU B 255 21.20 -31.71 13.09
N SER B 256 22.28 -30.92 13.06
CA SER B 256 23.62 -31.39 13.37
C SER B 256 23.87 -31.57 14.86
N GLY B 257 22.93 -31.16 15.71
CA GLY B 257 23.11 -31.23 17.15
C GLY B 257 23.64 -29.97 17.79
N GLU B 258 23.95 -28.93 17.01
CA GLU B 258 24.44 -27.69 17.58
C GLU B 258 23.35 -27.02 18.40
N VAL B 259 23.72 -26.54 19.59
CA VAL B 259 22.81 -25.91 20.53
C VAL B 259 23.06 -24.41 20.53
N ILE B 260 22.00 -23.63 20.36
CA ILE B 260 22.09 -22.17 20.28
C ILE B 260 21.12 -21.59 21.29
N GLU B 261 21.64 -20.81 22.24
CA GLU B 261 20.78 -20.12 23.19
C GLU B 261 20.29 -18.81 22.61
N ALA B 262 19.05 -18.47 22.91
CA ALA B 262 18.42 -17.32 22.29
C ALA B 262 17.56 -16.58 23.31
N SER B 263 17.43 -15.26 23.13
CA SER B 263 16.47 -14.52 23.92
C SER B 263 15.05 -14.78 23.46
N ALA B 264 14.86 -15.03 22.17
CA ALA B 264 13.55 -15.27 21.58
C ALA B 264 13.77 -15.98 20.27
N VAL B 265 12.73 -16.65 19.79
CA VAL B 265 12.75 -17.34 18.50
C VAL B 265 11.59 -16.81 17.67
N ILE B 266 11.88 -16.41 16.43
CA ILE B 266 10.84 -16.08 15.45
C ILE B 266 10.84 -17.23 14.44
N CYS B 267 9.78 -18.02 14.44
CA CYS B 267 9.71 -19.22 13.60
C CYS B 267 8.84 -18.92 12.37
N THR B 268 9.45 -18.93 11.18
CA THR B 268 8.73 -18.66 9.95
C THR B 268 8.43 -19.94 9.16
N VAL B 269 8.76 -21.10 9.73
CA VAL B 269 8.47 -22.38 9.08
C VAL B 269 6.97 -22.55 8.89
N PRO B 270 6.48 -22.81 7.69
CA PRO B 270 5.03 -22.92 7.51
C PRO B 270 4.48 -24.21 8.07
N VAL B 271 3.16 -24.20 8.28
CA VAL B 271 2.43 -25.34 8.84
C VAL B 271 2.78 -26.64 8.13
N GLY B 272 2.91 -26.61 6.81
CA GLY B 272 3.24 -27.82 6.05
C GLY B 272 4.58 -28.44 6.40
N ALA B 273 5.45 -27.70 7.10
CA ALA B 273 6.77 -28.18 7.46
C ALA B 273 7.02 -28.13 8.96
N LEU B 274 6.04 -27.72 9.77
CA LEU B 274 6.28 -27.61 11.20
C LEU B 274 6.52 -28.97 11.86
N SER B 275 6.07 -30.06 11.26
CA SER B 275 6.26 -31.38 11.88
C SER B 275 7.74 -31.75 11.97
N ASN B 276 8.62 -31.08 11.23
CA ASN B 276 10.05 -31.35 11.33
C ASN B 276 10.67 -30.84 12.63
N ILE B 277 9.96 -30.00 13.39
CA ILE B 277 10.52 -29.39 14.59
C ILE B 277 9.81 -29.93 15.81
N GLU B 278 10.59 -30.40 16.79
CA GLU B 278 10.09 -30.74 18.11
C GLU B 278 10.02 -29.48 18.96
N PHE B 279 8.86 -29.21 19.56
CA PHE B 279 8.68 -28.07 20.44
C PHE B 279 8.54 -28.51 21.88
N SER B 280 9.25 -27.82 22.77
CA SER B 280 9.24 -28.14 24.19
C SER B 280 9.09 -26.85 24.99
N PRO B 281 7.92 -26.59 25.60
CA PRO B 281 6.73 -27.45 25.62
C PRO B 281 6.06 -27.62 24.25
N ALA B 282 5.27 -28.68 24.12
CA ALA B 282 4.50 -28.88 22.90
C ALA B 282 3.61 -27.68 22.62
N LEU B 283 3.31 -27.45 21.34
CA LEU B 283 2.43 -26.36 20.97
C LEU B 283 1.02 -26.61 21.50
N PRO B 284 0.25 -25.54 21.73
CA PRO B 284 -1.12 -25.72 22.24
C PRO B 284 -1.96 -26.60 21.33
N ASP B 285 -2.89 -27.34 21.93
CA ASP B 285 -3.72 -28.28 21.18
C ASP B 285 -4.41 -27.60 20.00
N ALA B 286 -4.90 -26.38 20.20
CA ALA B 286 -5.63 -25.70 19.13
C ALA B 286 -4.72 -25.40 17.95
N VAL B 287 -3.45 -25.11 18.20
CA VAL B 287 -2.49 -24.90 17.14
C VAL B 287 -2.10 -26.23 16.48
N GLN B 288 -1.92 -27.27 17.29
CA GLN B 288 -1.60 -28.58 16.73
C GLN B 288 -2.71 -29.08 15.81
N SER B 289 -3.96 -28.76 16.12
CA SER B 289 -5.06 -29.18 15.25
C SER B 289 -4.93 -28.60 13.85
N VAL B 290 -4.52 -27.33 13.76
CA VAL B 290 -4.28 -26.71 12.45
C VAL B 290 -3.13 -27.41 11.75
N ILE B 291 -2.04 -27.69 12.47
CA ILE B 291 -0.89 -28.35 11.87
C ILE B 291 -1.27 -29.72 11.34
N ASP B 292 -2.05 -30.48 12.11
CA ASP B 292 -2.50 -31.80 11.67
C ASP B 292 -3.39 -31.70 10.43
N ASP B 293 -4.33 -30.77 10.45
CA ASP B 293 -5.27 -30.64 9.35
C ASP B 293 -4.60 -30.11 8.08
N LYS B 294 -3.66 -29.20 8.31
CA LYS B 294 -2.91 -28.38 7.34
C LYS B 294 -3.79 -27.24 6.81
N TRP B 295 -3.18 -26.35 6.06
CA TRP B 295 -3.96 -25.38 5.32
C TRP B 295 -4.60 -26.09 4.08
N ASN B 296 -5.53 -25.39 3.44
CA ASN B 296 -6.15 -25.93 2.24
C ASN B 296 -5.23 -25.59 1.07
N SER B 297 -3.96 -25.96 1.19
CA SER B 297 -3.00 -25.64 0.14
C SER B 297 -2.30 -26.92 -0.32
N GLN B 298 -2.92 -27.62 -1.26
CA GLN B 298 -2.42 -28.88 -1.76
C GLN B 298 -2.10 -28.87 -3.25
N GLY B 299 -2.22 -27.71 -3.91
CA GLY B 299 -2.10 -27.60 -5.35
C GLY B 299 -0.67 -27.36 -5.81
N ALA B 300 -0.54 -26.90 -7.06
CA ALA B 300 0.78 -26.78 -7.68
C ALA B 300 0.74 -25.76 -8.82
N LYS B 301 1.93 -25.25 -9.15
CA LYS B 301 2.13 -24.25 -10.20
C LYS B 301 3.08 -24.81 -11.25
N ILE B 302 2.67 -24.73 -12.52
CA ILE B 302 3.44 -25.26 -13.64
C ILE B 302 3.76 -24.12 -14.61
N TRP B 303 4.85 -24.30 -15.35
CA TRP B 303 5.22 -23.47 -16.50
C TRP B 303 5.35 -24.38 -17.71
N ILE B 304 4.58 -24.09 -18.75
CA ILE B 304 4.51 -24.94 -19.94
C ILE B 304 4.96 -24.14 -21.15
N LYS B 305 5.83 -24.73 -21.99
CA LYS B 305 6.26 -24.11 -23.23
C LYS B 305 5.66 -24.84 -24.43
N ILE B 306 5.02 -24.08 -25.34
CA ILE B 306 4.41 -24.65 -26.52
C ILE B 306 5.00 -24.00 -27.77
N LYS B 307 4.87 -24.71 -28.90
CA LYS B 307 5.29 -24.17 -30.18
C LYS B 307 4.40 -23.01 -30.61
N GLY B 308 5.02 -22.00 -31.21
CA GLY B 308 4.29 -20.90 -31.81
C GLY B 308 3.98 -19.78 -30.84
N HIS B 309 3.29 -18.77 -31.38
CA HIS B 309 2.88 -17.58 -30.64
C HIS B 309 1.38 -17.72 -30.36
N HIS B 310 1.00 -17.87 -29.09
CA HIS B 310 -0.40 -18.13 -28.77
C HIS B 310 -0.83 -17.32 -27.56
N ARG B 311 -1.89 -16.54 -27.73
CA ARG B 311 -2.50 -15.76 -26.65
C ARG B 311 -3.65 -16.60 -26.11
N PHE B 312 -3.39 -17.30 -25.00
CA PHE B 312 -4.25 -18.38 -24.56
C PHE B 312 -4.66 -18.18 -23.11
N LEU B 313 -5.93 -18.48 -22.81
CA LEU B 313 -6.42 -18.54 -21.44
C LEU B 313 -7.37 -19.71 -21.35
N GLY B 314 -7.17 -20.57 -20.34
CA GLY B 314 -8.02 -21.73 -20.18
C GLY B 314 -8.44 -21.92 -18.73
N TYR B 315 -9.71 -22.28 -18.54
CA TYR B 315 -10.27 -22.62 -17.24
C TYR B 315 -10.85 -24.03 -17.30
N ALA B 316 -10.62 -24.81 -16.23
CA ALA B 316 -11.25 -26.13 -16.13
C ALA B 316 -11.52 -26.46 -14.68
N PRO B 317 -12.66 -27.07 -14.37
CA PRO B 317 -13.00 -27.34 -12.96
C PRO B 317 -12.31 -28.58 -12.42
N LYS B 318 -12.40 -28.72 -11.10
CA LYS B 318 -11.98 -29.94 -10.43
C LYS B 318 -12.60 -31.14 -11.13
N PRO B 319 -11.86 -32.24 -11.33
CA PRO B 319 -10.51 -32.57 -10.87
C PRO B 319 -9.37 -32.41 -11.89
N ALA B 320 -9.45 -31.39 -12.74
CA ALA B 320 -8.45 -31.19 -13.78
C ALA B 320 -7.02 -31.09 -13.23
N LYS B 321 -6.05 -31.52 -14.04
CA LYS B 321 -4.65 -31.32 -13.68
C LYS B 321 -4.35 -29.84 -13.43
N MET B 322 -4.86 -28.96 -14.30
CA MET B 322 -4.69 -27.53 -14.12
C MET B 322 -6.03 -26.85 -14.34
N SER B 323 -6.35 -25.90 -13.47
CA SER B 323 -7.64 -25.22 -13.53
C SER B 323 -7.58 -23.84 -14.17
N VAL B 324 -6.43 -23.16 -14.13
CA VAL B 324 -6.26 -21.87 -14.78
C VAL B 324 -4.90 -21.89 -15.46
N VAL B 325 -4.88 -21.66 -16.78
CA VAL B 325 -3.66 -21.65 -17.57
C VAL B 325 -3.67 -20.42 -18.48
N ARG B 326 -2.56 -19.68 -18.51
CA ARG B 326 -2.54 -18.41 -19.22
C ARG B 326 -1.18 -18.17 -19.86
N SER B 327 -1.19 -17.61 -21.08
CA SER B 327 0.05 -17.16 -21.71
C SER B 327 0.77 -16.12 -20.86
N GLU B 328 2.11 -16.26 -20.74
CA GLU B 328 2.88 -15.29 -19.97
C GLU B 328 4.07 -14.70 -20.70
N TYR B 329 4.79 -15.50 -21.50
CA TYR B 329 5.96 -14.96 -22.19
C TYR B 329 5.97 -15.46 -23.63
N PHE B 330 6.29 -14.55 -24.54
CA PHE B 330 6.45 -14.89 -25.95
C PHE B 330 7.96 -14.88 -26.24
N MET B 331 8.49 -16.05 -26.57
CA MET B 331 9.92 -16.26 -26.69
C MET B 331 10.41 -16.04 -28.11
N ASP B 332 11.71 -15.78 -28.25
CA ASP B 332 12.27 -15.38 -29.54
C ASP B 332 12.36 -16.53 -30.54
N ASP B 333 12.35 -17.78 -30.07
CA ASP B 333 12.43 -18.95 -30.94
C ASP B 333 11.07 -19.49 -31.33
N ASP B 334 10.07 -18.60 -31.45
CA ASP B 334 8.73 -18.97 -31.88
C ASP B 334 8.10 -20.00 -30.94
N THR B 335 8.12 -19.69 -29.64
CA THR B 335 7.44 -20.49 -28.64
C THR B 335 6.74 -19.55 -27.66
N THR B 336 5.83 -20.11 -26.87
CA THR B 336 5.10 -19.38 -25.85
C THR B 336 5.24 -20.13 -24.53
N ILE B 337 5.51 -19.41 -23.44
CA ILE B 337 5.48 -19.97 -22.09
C ILE B 337 4.18 -19.56 -21.40
N LEU B 338 3.48 -20.55 -20.85
CA LEU B 338 2.25 -20.36 -20.11
C LEU B 338 2.45 -20.76 -18.66
N VAL B 339 1.69 -20.12 -17.74
CA VAL B 339 1.61 -20.52 -16.33
C VAL B 339 0.34 -21.30 -16.11
N GLY B 340 0.34 -22.17 -15.11
CA GLY B 340 -0.86 -22.89 -14.74
C GLY B 340 -0.91 -23.14 -13.24
N PHE B 341 -2.13 -23.13 -12.70
CA PHE B 341 -2.39 -23.45 -11.30
C PHE B 341 -3.40 -24.59 -11.23
N GLY B 342 -3.11 -25.57 -10.38
CA GLY B 342 -3.93 -26.76 -10.28
C GLY B 342 -4.19 -27.11 -8.84
N TYR B 343 -5.29 -27.82 -8.60
CA TYR B 343 -5.75 -28.02 -7.22
C TYR B 343 -5.07 -29.19 -6.50
N ASP B 344 -4.31 -30.05 -7.20
CA ASP B 344 -3.87 -31.29 -6.58
C ASP B 344 -2.47 -31.63 -7.11
N ASN B 345 -1.45 -31.35 -6.29
CA ASN B 345 -0.07 -31.61 -6.68
C ASN B 345 0.18 -33.07 -7.02
N THR B 346 -0.63 -33.99 -6.49
CA THR B 346 -0.36 -35.41 -6.76
C THR B 346 -0.96 -35.88 -8.08
N ASN B 347 -1.75 -35.07 -8.78
CA ASN B 347 -2.34 -35.51 -10.05
C ASN B 347 -1.55 -35.02 -11.26
N ILE B 348 -0.41 -34.36 -11.06
CA ILE B 348 0.38 -33.87 -12.17
C ILE B 348 1.86 -33.88 -11.79
N ASP B 349 2.70 -34.33 -12.73
CA ASP B 349 4.15 -34.20 -12.61
C ASP B 349 4.53 -32.95 -13.41
N LEU B 350 5.00 -31.92 -12.69
CA LEU B 350 5.25 -30.62 -13.29
C LEU B 350 6.38 -30.65 -14.32
N ASN B 351 7.19 -31.71 -14.32
CA ASN B 351 8.33 -31.79 -15.21
C ASN B 351 8.14 -32.88 -16.27
N SER B 352 6.94 -33.40 -16.40
CA SER B 352 6.61 -34.43 -17.38
C SER B 352 5.98 -33.76 -18.60
N ILE B 353 6.67 -33.85 -19.74
CA ILE B 353 6.11 -33.27 -20.97
C ILE B 353 4.76 -33.87 -21.30
N GLU B 354 4.57 -35.17 -21.04
CA GLU B 354 3.27 -35.75 -21.36
C GLU B 354 2.16 -35.24 -20.46
N ASP B 355 2.47 -34.96 -19.19
CA ASP B 355 1.43 -34.38 -18.33
C ASP B 355 1.12 -32.95 -18.73
N ALA B 356 2.15 -32.17 -19.08
CA ALA B 356 1.93 -30.82 -19.59
C ALA B 356 1.10 -30.84 -20.86
N GLN B 357 1.36 -31.81 -21.74
CA GLN B 357 0.55 -31.94 -22.95
C GLN B 357 -0.88 -32.30 -22.60
N ALA B 358 -1.08 -33.16 -21.59
CA ALA B 358 -2.43 -33.48 -21.14
C ALA B 358 -3.16 -32.23 -20.64
N VAL B 359 -2.43 -31.31 -20.00
CA VAL B 359 -3.02 -30.06 -19.53
C VAL B 359 -3.53 -29.25 -20.72
N ILE B 360 -2.68 -29.05 -21.72
CA ILE B 360 -3.07 -28.25 -22.87
C ILE B 360 -4.21 -28.91 -23.62
N ASN B 361 -4.19 -30.25 -23.67
CA ASN B 361 -5.24 -31.03 -24.32
C ASN B 361 -6.59 -30.91 -23.61
N GLN B 362 -6.63 -30.35 -22.40
CA GLN B 362 -7.91 -30.07 -21.77
C GLN B 362 -8.76 -29.14 -22.63
N TRP B 363 -8.12 -28.29 -23.43
CA TRP B 363 -8.81 -27.26 -24.19
C TRP B 363 -8.58 -27.32 -25.69
N ARG B 364 -7.40 -27.77 -26.15
CA ARG B 364 -7.09 -27.73 -27.58
C ARG B 364 -6.40 -29.02 -28.01
N ASP B 365 -6.55 -29.37 -29.28
CA ASP B 365 -5.88 -30.54 -29.82
C ASP B 365 -4.76 -30.18 -30.79
N ASP B 366 -4.46 -28.90 -30.95
CA ASP B 366 -3.56 -28.43 -31.98
C ASP B 366 -2.36 -27.69 -31.43
N LEU B 367 -2.19 -27.65 -30.11
CA LEU B 367 -1.04 -26.98 -29.51
C LEU B 367 -0.07 -28.03 -28.98
N GLU B 368 1.22 -27.82 -29.20
CA GLU B 368 2.25 -28.82 -28.96
C GLU B 368 3.22 -28.36 -27.87
N VAL B 369 3.29 -29.13 -26.78
CA VAL B 369 4.21 -28.84 -25.68
C VAL B 369 5.61 -29.31 -26.05
N VAL B 370 6.59 -28.41 -25.87
CA VAL B 370 8.00 -28.75 -26.08
C VAL B 370 8.83 -28.74 -24.80
N ASP B 371 8.32 -28.18 -23.70
CA ASP B 371 9.07 -28.16 -22.45
C ASP B 371 8.08 -27.86 -21.34
N THR B 372 8.46 -28.23 -20.11
CA THR B 372 7.62 -27.96 -18.95
C THR B 372 8.50 -27.97 -17.71
N THR B 373 8.11 -27.18 -16.71
CA THR B 373 8.90 -27.18 -15.49
C THR B 373 8.07 -26.68 -14.32
N GLY B 374 8.55 -26.97 -13.12
CA GLY B 374 7.94 -26.45 -11.92
C GLY B 374 8.61 -27.07 -10.72
N HIS B 375 8.30 -26.51 -9.56
CA HIS B 375 8.75 -27.09 -8.29
C HIS B 375 7.53 -27.44 -7.45
N ASN B 376 7.43 -28.70 -7.04
CA ASN B 376 6.28 -29.15 -6.26
C ASN B 376 6.51 -28.81 -4.79
N TRP B 377 6.06 -27.62 -4.41
CA TRP B 377 6.22 -27.13 -3.03
C TRP B 377 5.60 -28.08 -2.00
N VAL B 378 4.47 -28.69 -2.33
CA VAL B 378 3.80 -29.55 -1.36
C VAL B 378 4.68 -30.74 -1.00
N ALA B 379 5.47 -31.25 -1.95
CA ALA B 379 6.40 -32.35 -1.73
C ALA B 379 7.78 -31.90 -1.30
N ASP B 380 7.93 -30.64 -0.93
CA ASP B 380 9.17 -30.05 -0.47
C ASP B 380 9.13 -30.03 1.07
N LYS B 381 10.02 -30.81 1.67
CA LYS B 381 10.15 -31.00 3.12
C LYS B 381 10.09 -29.70 3.92
N TRP B 382 10.60 -28.62 3.34
CA TRP B 382 10.73 -27.36 4.03
C TRP B 382 9.58 -26.42 3.76
N ALA B 383 8.60 -26.85 2.96
CA ALA B 383 7.39 -26.08 2.69
C ALA B 383 6.15 -26.91 3.00
N GLY B 384 5.92 -27.99 2.26
CA GLY B 384 4.78 -28.84 2.54
C GLY B 384 3.45 -28.25 2.16
N GLN B 385 3.45 -27.19 1.36
CA GLN B 385 2.25 -26.46 0.98
C GLN B 385 2.63 -25.52 -0.15
N ALA B 386 1.62 -25.04 -0.89
CA ALA B 386 1.81 -23.92 -1.79
C ALA B 386 1.60 -22.64 -0.97
N TRP B 387 0.79 -21.68 -1.44
CA TRP B 387 0.48 -20.55 -0.58
C TRP B 387 -0.65 -20.93 0.38
N GLY B 388 -0.58 -20.41 1.60
CA GLY B 388 -1.55 -20.81 2.61
C GLY B 388 -2.96 -20.33 2.28
N THR B 389 -3.91 -21.25 2.30
CA THR B 389 -5.33 -20.95 2.10
C THR B 389 -6.15 -21.66 3.17
N LEU B 390 -7.39 -21.21 3.37
CA LEU B 390 -8.17 -21.59 4.56
C LEU B 390 -9.17 -22.70 4.25
N ARG B 391 -9.11 -23.78 5.04
CA ARG B 391 -10.21 -24.74 5.13
C ARG B 391 -11.37 -24.14 5.92
N LYS B 392 -12.53 -24.79 5.79
CA LYS B 392 -13.68 -24.41 6.62
C LYS B 392 -13.28 -24.33 8.08
N GLY B 393 -13.71 -23.26 8.74
CA GLY B 393 -13.45 -23.03 10.14
C GLY B 393 -12.11 -22.41 10.46
N GLN B 394 -11.21 -22.29 9.47
CA GLN B 394 -9.87 -21.78 9.74
C GLN B 394 -9.78 -20.27 9.64
N PHE B 395 -10.81 -19.58 9.16
CA PHE B 395 -10.79 -18.12 9.25
C PHE B 395 -10.91 -17.67 10.71
N THR B 396 -11.80 -18.31 11.48
CA THR B 396 -12.02 -17.88 12.85
C THR B 396 -11.30 -18.74 13.89
N GLN B 397 -10.91 -19.96 13.55
CA GLN B 397 -10.16 -20.84 14.45
C GLN B 397 -9.00 -21.49 13.70
N GLY B 398 -8.15 -20.66 13.12
CA GLY B 398 -7.01 -21.18 12.37
C GLY B 398 -5.80 -20.27 12.47
N TRP B 399 -5.68 -19.35 11.52
CA TRP B 399 -4.45 -18.56 11.40
C TRP B 399 -4.20 -17.69 12.63
N SER B 400 -5.25 -17.23 13.30
CA SER B 400 -5.05 -16.32 14.41
C SER B 400 -4.63 -17.02 15.70
N LEU B 401 -4.64 -18.35 15.73
CA LEU B 401 -4.26 -19.09 16.94
C LEU B 401 -2.75 -19.13 17.16
N PHE B 402 -1.96 -18.76 16.16
CA PHE B 402 -0.51 -18.82 16.27
C PHE B 402 0.07 -17.59 16.94
N ASP B 403 -0.76 -16.66 17.34
CA ASP B 403 -0.28 -15.46 17.99
C ASP B 403 -0.01 -15.42 19.47
N ASP B 404 -0.49 -16.32 20.23
CA ASP B 404 -0.14 -16.20 21.64
C ASP B 404 0.40 -17.49 22.12
N ILE B 405 1.69 -17.56 22.04
CA ILE B 405 2.32 -18.70 22.55
C ILE B 405 2.88 -18.04 23.76
N ASP B 406 2.49 -18.46 24.92
CA ASP B 406 2.97 -17.84 26.14
C ASP B 406 4.42 -18.18 26.53
N SER B 407 5.35 -17.71 25.72
CA SER B 407 6.71 -17.96 25.79
C SER B 407 7.38 -16.98 24.80
N GLN B 408 8.68 -17.12 24.74
CA GLN B 408 9.51 -16.34 23.88
C GLN B 408 9.66 -16.97 22.45
N LEU B 409 8.68 -17.73 22.05
CA LEU B 409 8.53 -18.27 20.74
C LEU B 409 7.42 -17.49 20.10
N PHE B 410 7.71 -17.02 18.89
CA PHE B 410 6.78 -16.28 18.07
C PHE B 410 6.70 -16.94 16.71
N PHE B 411 5.49 -17.01 16.16
CA PHE B 411 5.28 -17.48 14.78
C PHE B 411 5.06 -16.29 13.86
N ALA B 412 5.81 -16.25 12.76
CA ALA B 412 5.66 -15.19 11.78
C ALA B 412 5.69 -15.82 10.41
N GLY B 413 4.93 -15.24 9.50
CA GLY B 413 4.86 -15.76 8.15
C GLY B 413 3.62 -15.25 7.49
N SER B 414 3.59 -15.36 6.17
CA SER B 414 2.41 -14.89 5.45
C SER B 414 1.13 -15.52 5.96
N ASP B 415 1.18 -16.78 6.37
CA ASP B 415 -0.02 -17.52 6.75
C ASP B 415 -0.71 -16.97 7.99
N TYR B 416 -0.07 -16.08 8.76
CA TYR B 416 -0.69 -15.53 9.96
C TYR B 416 -0.98 -14.04 9.85
N ALA B 417 -0.85 -13.46 8.66
CA ALA B 417 -1.02 -12.02 8.49
C ALA B 417 -2.48 -11.61 8.64
N TYR B 418 -2.67 -10.34 9.02
CA TYR B 418 -4.02 -9.80 9.07
C TYR B 418 -4.56 -9.46 7.69
N GLY B 419 -3.68 -9.17 6.73
CA GLY B 419 -4.11 -8.63 5.46
C GLY B 419 -4.17 -9.68 4.36
N TRP B 420 -3.20 -9.61 3.43
CA TRP B 420 -3.12 -10.53 2.30
C TRP B 420 -2.47 -11.84 2.76
N ARG B 421 -3.22 -12.54 3.61
CA ARG B 421 -2.71 -13.68 4.35
C ARG B 421 -2.51 -14.89 3.45
N GLY B 422 -1.32 -15.47 3.52
CA GLY B 422 -0.96 -16.73 2.89
C GLY B 422 -0.66 -16.56 1.43
N VAL B 423 -1.63 -15.99 0.71
CA VAL B 423 -1.61 -15.91 -0.75
C VAL B 423 -0.53 -14.95 -1.28
N SER B 424 0.01 -14.07 -0.43
N SER B 424 0.02 -14.09 -0.44
CA SER B 424 0.84 -12.97 -0.91
CA SER B 424 0.85 -12.99 -0.91
C SER B 424 2.11 -12.77 -0.10
C SER B 424 2.11 -12.79 -0.09
N VAL B 425 3.18 -12.40 -0.81
CA VAL B 425 4.41 -11.93 -0.17
C VAL B 425 4.10 -10.75 0.73
N ASP B 426 3.07 -9.96 0.40
CA ASP B 426 2.66 -8.86 1.27
C ASP B 426 2.40 -9.34 2.69
N GLY B 427 1.76 -10.50 2.83
CA GLY B 427 1.49 -11.03 4.15
C GLY B 427 2.75 -11.45 4.89
N ALA B 428 3.72 -12.01 4.16
CA ALA B 428 4.99 -12.38 4.80
C ALA B 428 5.73 -11.15 5.29
N LEU B 429 5.77 -10.10 4.46
CA LEU B 429 6.45 -8.87 4.84
C LEU B 429 5.70 -8.18 5.97
N GLU B 430 4.37 -8.23 5.95
CA GLU B 430 3.59 -7.70 7.07
C GLU B 430 3.96 -8.40 8.36
N LYS B 431 3.84 -9.73 8.39
CA LYS B 431 3.91 -10.42 9.67
C LYS B 431 5.33 -10.60 10.16
N GLY B 432 6.31 -10.71 9.26
CA GLY B 432 7.69 -10.71 9.72
C GLY B 432 8.05 -9.41 10.43
N MET B 433 7.61 -8.29 9.86
CA MET B 433 7.94 -6.99 10.44
C MET B 433 7.21 -6.79 11.77
N THR B 434 5.91 -7.11 11.82
CA THR B 434 5.18 -6.87 13.06
C THR B 434 5.58 -7.84 14.16
N THR B 435 5.98 -9.06 13.80
CA THR B 435 6.48 -9.97 14.82
C THR B 435 7.82 -9.49 15.37
N ALA B 436 8.69 -8.95 14.50
CA ALA B 436 9.89 -8.30 15.02
C ALA B 436 9.53 -7.17 15.98
N ARG B 437 8.47 -6.41 15.68
CA ARG B 437 8.06 -5.35 16.61
C ARG B 437 7.58 -5.93 17.93
N GLN B 438 6.90 -7.08 17.91
CA GLN B 438 6.52 -7.73 19.17
C GLN B 438 7.75 -8.01 20.03
N VAL B 439 8.82 -8.49 19.41
CA VAL B 439 10.06 -8.76 20.14
C VAL B 439 10.69 -7.45 20.61
N ILE B 440 10.76 -6.46 19.72
CA ILE B 440 11.32 -5.14 20.06
C ILE B 440 10.58 -4.54 21.25
N ASN B 441 9.25 -4.54 21.20
CA ASN B 441 8.46 -3.87 22.25
C ASN B 441 8.64 -4.56 23.59
N SER B 442 8.72 -5.89 23.58
CA SER B 442 8.89 -6.63 24.83
C SER B 442 10.27 -6.38 25.42
N MET B 443 11.30 -6.25 24.58
CA MET B 443 12.63 -5.95 25.10
C MET B 443 12.72 -4.51 25.59
N ARG B 444 12.04 -3.58 24.95
CA ARG B 444 12.06 -2.19 25.37
C ARG B 444 11.32 -1.99 26.69
#